data_8W07
#
_entry.id   8W07
#
_cell.length_a   53.583
_cell.length_b   59.027
_cell.length_c   93.754
_cell.angle_alpha   86.59
_cell.angle_beta   75.01
_cell.angle_gamma   63.14
#
_symmetry.space_group_name_H-M   'P 1'
#
loop_
_entity.id
_entity.type
_entity.pdbx_description
1 polymer 'Estrogen receptor'
2 non-polymer (1R,2S,4R)-N-cyclohexyl-5,6-bis(4-hydroxyphenyl)-N-(4-methoxyphenyl)-7-oxabicyclo[2.2.1]hept-5-ene-2-sulfonamide
3 non-polymer (1S,2R,4S)-N-cyclohexyl-5,6-bis(4-hydroxyphenyl)-N-(4-methoxyphenyl)-7-oxabicyclo[2.2.1]hept-5-ene-2-sulfonamide
4 water water
#
_entity_poly.entity_id   1
_entity_poly.type   'polypeptide(L)'
_entity_poly.pdbx_seq_one_letter_code
;SLALSLTADQMVSALLDAEPPILYSEYDPTRPFSEASMMGLLTNLADRELVHMINWAKRVPGFVDLTSHDQVHLLECAWL
EILMIGLVWRSMEHPGKLLFAPNLLLDRNQGKCVEGMVEIFDMLLATSSRFRMMNLQGEEFVCLKSIILLNSGVYTFLSS
TLKSLEEKDHIHRVLDKITDTLIHLMAKAGLTLQQQHQRLAQLLLILSHIRHMSNKGMEHLYSMKCKNVVPSYDLLLEML
DA
;
_entity_poly.pdbx_strand_id   A,B,C,D
#
# COMPACT_ATOMS: atom_id res chain seq x y z
N LEU A 2 26.46 -13.15 10.61
CA LEU A 2 27.62 -13.00 11.47
C LEU A 2 28.03 -11.53 11.55
N ALA A 3 27.04 -10.63 11.44
CA ALA A 3 27.34 -9.20 11.48
C ALA A 3 27.77 -8.77 12.87
N LEU A 4 27.20 -9.35 13.92
CA LEU A 4 27.52 -8.98 15.28
C LEU A 4 28.86 -9.51 15.75
N SER A 5 29.52 -10.36 14.97
CA SER A 5 30.87 -10.81 15.27
C SER A 5 31.93 -9.87 14.72
N LEU A 6 31.56 -8.93 13.86
CA LEU A 6 32.54 -8.01 13.29
C LEU A 6 33.14 -7.10 14.34
N THR A 7 34.39 -6.69 14.11
CA THR A 7 34.99 -5.64 14.91
C THR A 7 34.73 -4.28 14.24
N ALA A 8 35.19 -3.20 14.88
CA ALA A 8 34.94 -1.86 14.36
C ALA A 8 35.61 -1.68 13.00
N ASP A 9 36.89 -2.04 12.90
CA ASP A 9 37.59 -1.98 11.62
C ASP A 9 36.92 -2.84 10.57
N GLN A 10 36.48 -4.05 10.93
CA GLN A 10 35.77 -4.87 9.96
C GLN A 10 34.47 -4.21 9.53
N MET A 11 33.77 -3.56 10.47
CA MET A 11 32.54 -2.88 10.11
C MET A 11 32.83 -1.71 9.17
N VAL A 12 33.81 -0.88 9.53
CA VAL A 12 34.21 0.24 8.68
C VAL A 12 34.57 -0.25 7.28
N SER A 13 35.42 -1.27 7.19
CA SER A 13 35.86 -1.76 5.89
C SER A 13 34.68 -2.29 5.07
N ALA A 14 33.79 -3.05 5.71
CA ALA A 14 32.60 -3.52 5.02
C ALA A 14 31.82 -2.35 4.43
N LEU A 15 31.60 -1.31 5.23
CA LEU A 15 30.78 -0.19 4.79
C LEU A 15 31.47 0.59 3.68
N LEU A 16 32.76 0.90 3.87
CA LEU A 16 33.54 1.54 2.83
C LEU A 16 33.44 0.76 1.53
N ASP A 17 33.67 -0.55 1.60
CA ASP A 17 33.68 -1.38 0.40
C ASP A 17 32.31 -1.40 -0.28
N ALA A 18 31.23 -1.18 0.47
CA ALA A 18 29.88 -1.29 -0.09
C ALA A 18 29.39 0.00 -0.74
N GLU A 19 30.14 1.09 -0.64
CA GLU A 19 29.63 2.37 -1.08
C GLU A 19 29.20 2.28 -2.55
N PRO A 20 28.08 2.88 -2.93
CA PRO A 20 27.66 2.87 -4.33
C PRO A 20 28.43 3.88 -5.14
N PRO A 21 28.31 3.86 -6.46
CA PRO A 21 29.07 4.79 -7.29
C PRO A 21 28.38 6.13 -7.43
N ILE A 22 29.18 7.15 -7.73
CA ILE A 22 28.63 8.42 -8.15
C ILE A 22 28.11 8.26 -9.57
N LEU A 23 26.85 8.65 -9.80
CA LEU A 23 26.26 8.60 -11.13
C LEU A 23 26.11 9.99 -11.71
N TYR A 24 26.14 10.07 -13.04
CA TYR A 24 25.97 11.33 -13.73
C TYR A 24 24.50 11.59 -14.03
N SER A 25 24.18 12.87 -14.16
CA SER A 25 22.87 13.26 -14.68
C SER A 25 22.84 12.96 -16.17
N GLU A 26 21.65 12.92 -16.75
CA GLU A 26 21.57 12.73 -18.19
C GLU A 26 22.31 13.84 -18.90
N TYR A 27 23.08 13.47 -19.91
CA TYR A 27 24.01 14.42 -20.50
C TYR A 27 23.26 15.43 -21.36
N ASP A 28 23.82 16.64 -21.41
CA ASP A 28 23.38 17.73 -22.28
C ASP A 28 21.84 17.84 -22.30
N PRO A 29 21.23 18.09 -21.13
CA PRO A 29 19.80 18.43 -21.11
C PRO A 29 19.59 19.82 -21.69
N THR A 30 18.34 20.13 -22.01
CA THR A 30 18.03 21.48 -22.45
C THR A 30 18.17 22.43 -21.26
N ARG A 31 19.17 23.33 -21.35
CA ARG A 31 19.30 24.43 -20.39
C ARG A 31 18.82 25.71 -21.05
N PRO A 32 18.23 26.66 -20.30
CA PRO A 32 17.75 26.65 -18.92
C PRO A 32 16.62 25.64 -18.72
N PHE A 33 16.41 25.24 -17.48
CA PHE A 33 15.41 24.23 -17.16
C PHE A 33 14.02 24.85 -17.07
N SER A 34 13.01 24.03 -17.37
CA SER A 34 11.64 24.24 -16.95
C SER A 34 11.40 23.52 -15.63
N GLU A 35 10.22 23.72 -15.02
CA GLU A 35 9.90 22.88 -13.87
C GLU A 35 9.88 21.42 -14.26
N ALA A 36 9.19 21.10 -15.37
CA ALA A 36 9.01 19.70 -15.75
C ALA A 36 10.35 19.05 -16.08
N SER A 37 11.25 19.79 -16.73
CA SER A 37 12.50 19.17 -17.15
C SER A 37 13.48 19.01 -16.01
N MET A 38 13.51 19.95 -15.07
CA MET A 38 14.34 19.74 -13.89
C MET A 38 13.86 18.54 -13.08
N MET A 39 12.54 18.45 -12.85
CA MET A 39 11.99 17.28 -12.17
C MET A 39 12.30 16.00 -12.92
N GLY A 40 12.20 16.03 -14.25
CA GLY A 40 12.51 14.85 -15.02
C GLY A 40 13.94 14.41 -14.87
N LEU A 41 14.89 15.35 -14.89
CA LEU A 41 16.27 14.99 -14.69
C LEU A 41 16.49 14.41 -13.30
N LEU A 42 15.92 15.05 -12.27
CA LEU A 42 16.15 14.58 -10.91
C LEU A 42 15.52 13.20 -10.71
N THR A 43 14.34 12.97 -11.28
CA THR A 43 13.68 11.68 -11.16
C THR A 43 14.49 10.58 -11.84
N ASN A 44 15.00 10.86 -13.04
CA ASN A 44 15.80 9.87 -13.74
C ASN A 44 17.07 9.51 -12.96
N LEU A 45 17.72 10.52 -12.38
CA LEU A 45 18.91 10.26 -11.57
C LEU A 45 18.55 9.42 -10.35
N ALA A 46 17.50 9.81 -9.63
CA ALA A 46 17.09 9.06 -8.44
C ALA A 46 16.76 7.61 -8.79
N ASP A 47 16.04 7.40 -9.89
CA ASP A 47 15.66 6.04 -10.28
C ASP A 47 16.88 5.18 -10.54
N ARG A 48 17.92 5.75 -11.14
CA ARG A 48 19.14 4.99 -11.37
C ARG A 48 19.91 4.79 -10.07
N GLU A 49 19.92 5.79 -9.19
CA GLU A 49 20.57 5.62 -7.90
C GLU A 49 19.91 4.53 -7.06
N LEU A 50 18.58 4.36 -7.18
CA LEU A 50 17.89 3.40 -6.32
C LEU A 50 18.40 1.98 -6.55
N VAL A 51 18.67 1.63 -7.81
CA VAL A 51 19.18 0.27 -8.05
C VAL A 51 20.47 0.04 -7.28
N HIS A 52 21.37 1.02 -7.30
CA HIS A 52 22.63 0.86 -6.58
C HIS A 52 22.45 0.94 -5.08
N MET A 53 21.43 1.66 -4.61
CA MET A 53 21.13 1.68 -3.18
C MET A 53 20.72 0.29 -2.68
N ILE A 54 19.97 -0.45 -3.49
CA ILE A 54 19.58 -1.79 -3.08
C ILE A 54 20.79 -2.69 -2.94
N ASN A 55 21.73 -2.61 -3.89
CA ASN A 55 22.96 -3.38 -3.79
C ASN A 55 23.75 -2.99 -2.56
N TRP A 56 23.84 -1.69 -2.29
CA TRP A 56 24.54 -1.22 -1.10
C TRP A 56 23.89 -1.77 0.16
N ALA A 57 22.55 -1.72 0.23
CA ALA A 57 21.85 -2.11 1.45
C ALA A 57 22.10 -3.57 1.78
N LYS A 58 22.02 -4.40 0.78
CA LYS A 58 22.33 -5.84 0.90
C LYS A 58 23.77 -6.16 1.32
N ARG A 59 24.64 -5.18 1.32
CA ARG A 59 25.97 -5.32 1.86
C ARG A 59 26.17 -4.62 3.20
N VAL A 60 25.14 -3.98 3.75
CA VAL A 60 25.25 -3.41 5.08
C VAL A 60 25.19 -4.58 6.07
N PRO A 61 26.20 -4.79 6.90
CA PRO A 61 26.17 -5.95 7.80
C PRO A 61 24.84 -6.06 8.55
N GLY A 62 24.27 -7.25 8.52
CA GLY A 62 23.02 -7.51 9.20
C GLY A 62 21.77 -7.30 8.38
N PHE A 63 21.81 -6.49 7.32
CA PHE A 63 20.60 -6.19 6.57
C PHE A 63 19.98 -7.46 6.01
N VAL A 64 20.78 -8.31 5.36
CA VAL A 64 20.20 -9.47 4.68
C VAL A 64 19.76 -10.56 5.64
N ASP A 65 20.11 -10.45 6.94
CA ASP A 65 19.58 -11.39 7.91
C ASP A 65 18.09 -11.22 8.10
N LEU A 66 17.55 -10.07 7.74
CA LEU A 66 16.13 -9.79 7.90
C LEU A 66 15.32 -10.49 6.82
N THR A 67 14.03 -10.65 7.08
CA THR A 67 13.13 -11.15 6.04
C THR A 67 13.09 -10.14 4.90
N SER A 68 12.66 -10.62 3.73
CA SER A 68 12.52 -9.73 2.58
C SER A 68 11.50 -8.62 2.85
N HIS A 69 10.40 -8.97 3.50
CA HIS A 69 9.39 -7.97 3.85
C HIS A 69 10.00 -6.86 4.69
N ASP A 70 10.74 -7.22 5.73
CA ASP A 70 11.32 -6.21 6.61
C ASP A 70 12.38 -5.40 5.89
N GLN A 71 13.13 -6.03 4.97
CA GLN A 71 14.12 -5.29 4.20
C GLN A 71 13.46 -4.22 3.34
N VAL A 72 12.35 -4.58 2.68
CA VAL A 72 11.62 -3.63 1.86
C VAL A 72 11.06 -2.50 2.72
N HIS A 73 10.57 -2.84 3.92
CA HIS A 73 9.99 -1.82 4.78
C HIS A 73 11.05 -0.80 5.18
N LEU A 74 12.23 -1.26 5.55
CA LEU A 74 13.30 -0.34 5.90
C LEU A 74 13.64 0.57 4.73
N LEU A 75 13.71 0.00 3.53
CA LEU A 75 14.05 0.80 2.35
C LEU A 75 12.92 1.77 2.01
N GLU A 76 11.67 1.33 2.07
CA GLU A 76 10.58 2.27 1.81
C GLU A 76 10.67 3.48 2.70
N CYS A 77 10.94 3.27 3.99
CA CYS A 77 11.01 4.37 4.94
C CYS A 77 12.26 5.22 4.73
N ALA A 78 13.34 4.65 4.26
CA ALA A 78 14.62 5.36 4.31
C ALA A 78 15.12 5.93 2.98
N TRP A 79 14.55 5.53 1.83
CA TRP A 79 15.24 5.76 0.57
C TRP A 79 15.51 7.26 0.34
N LEU A 80 14.54 8.14 0.61
CA LEU A 80 14.76 9.56 0.33
C LEU A 80 15.80 10.15 1.28
N GLU A 81 15.71 9.81 2.56
CA GLU A 81 16.77 10.21 3.50
C GLU A 81 18.15 9.76 3.02
N ILE A 82 18.26 8.54 2.51
CA ILE A 82 19.55 8.04 2.04
C ILE A 82 20.02 8.84 0.83
N LEU A 83 19.15 9.04 -0.14
CA LEU A 83 19.55 9.89 -1.26
C LEU A 83 19.99 11.27 -0.76
N MET A 84 19.26 11.84 0.20
CA MET A 84 19.58 13.20 0.59
C MET A 84 20.89 13.28 1.36
N ILE A 85 21.17 12.29 2.23
CA ILE A 85 22.44 12.38 2.95
C ILE A 85 23.59 12.19 1.96
N GLY A 86 23.39 11.37 0.93
CA GLY A 86 24.39 11.26 -0.12
C GLY A 86 24.62 12.57 -0.83
N LEU A 87 23.53 13.27 -1.17
CA LEU A 87 23.66 14.59 -1.79
C LEU A 87 24.41 15.55 -0.89
N VAL A 88 24.03 15.59 0.40
CA VAL A 88 24.69 16.51 1.33
C VAL A 88 26.18 16.23 1.39
N TRP A 89 26.55 14.95 1.45
CA TRP A 89 27.96 14.58 1.49
C TRP A 89 28.68 15.04 0.23
N ARG A 90 28.08 14.80 -0.94
CA ARG A 90 28.72 15.18 -2.20
C ARG A 90 28.92 16.69 -2.28
N SER A 91 28.06 17.45 -1.61
CA SER A 91 28.02 18.89 -1.74
C SER A 91 28.91 19.61 -0.74
N MET A 92 29.56 18.89 0.18
CA MET A 92 30.29 19.53 1.25
C MET A 92 31.34 20.50 0.72
N GLU A 93 32.07 20.10 -0.32
CA GLU A 93 33.13 20.94 -0.86
C GLU A 93 32.64 21.99 -1.85
N HIS A 94 31.34 22.24 -1.92
CA HIS A 94 30.77 23.19 -2.87
C HIS A 94 29.82 24.12 -2.12
N PRO A 95 30.38 25.06 -1.34
CA PRO A 95 29.53 25.93 -0.51
C PRO A 95 28.49 26.68 -1.33
N GLY A 96 27.26 26.73 -0.82
CA GLY A 96 26.19 27.40 -1.52
C GLY A 96 25.58 26.62 -2.67
N LYS A 97 25.94 25.36 -2.88
CA LYS A 97 25.46 24.66 -4.04
C LYS A 97 25.35 23.16 -3.70
N LEU A 98 24.46 22.48 -4.42
CA LEU A 98 24.15 21.07 -4.26
C LEU A 98 24.70 20.33 -5.46
N LEU A 99 25.59 19.37 -5.22
CA LEU A 99 26.15 18.53 -6.28
C LEU A 99 25.29 17.28 -6.42
N PHE A 100 24.21 17.43 -7.19
CA PHE A 100 23.36 16.28 -7.46
C PHE A 100 24.10 15.23 -8.27
N ALA A 101 24.97 15.68 -9.16
CA ALA A 101 25.85 14.81 -9.95
C ALA A 101 27.03 15.64 -10.41
N PRO A 102 28.15 15.02 -10.75
CA PRO A 102 29.29 15.82 -11.22
C PRO A 102 28.94 16.80 -12.33
N ASN A 103 27.94 16.49 -13.16
CA ASN A 103 27.54 17.37 -14.25
C ASN A 103 26.22 18.08 -13.95
N LEU A 104 25.82 18.15 -12.68
CA LEU A 104 24.56 18.81 -12.30
C LEU A 104 24.75 19.42 -10.91
N LEU A 105 25.25 20.65 -10.89
CA LEU A 105 25.54 21.36 -9.66
C LEU A 105 24.66 22.61 -9.66
N LEU A 106 23.73 22.67 -8.73
CA LEU A 106 22.67 23.67 -8.75
C LEU A 106 22.87 24.66 -7.60
N ASP A 107 22.60 25.93 -7.89
CA ASP A 107 22.64 26.98 -6.88
C ASP A 107 21.24 27.28 -6.39
N ARG A 108 21.12 28.28 -5.53
CA ARG A 108 19.86 28.54 -4.85
C ARG A 108 18.78 28.98 -5.82
N ASN A 109 19.13 29.83 -6.78
CA ASN A 109 18.12 30.33 -7.71
C ASN A 109 17.55 29.21 -8.57
N GLN A 110 18.32 28.13 -8.77
CA GLN A 110 17.79 26.99 -9.51
C GLN A 110 16.87 26.14 -8.63
N GLY A 111 17.06 26.17 -7.32
CA GLY A 111 16.07 25.58 -6.43
C GLY A 111 14.70 26.19 -6.63
N LYS A 112 14.66 27.51 -6.90
CA LYS A 112 13.38 28.21 -7.05
C LYS A 112 12.59 27.76 -8.27
N CYS A 113 13.18 26.95 -9.15
CA CYS A 113 12.31 26.15 -10.00
C CYS A 113 11.50 25.20 -9.13
N VAL A 114 10.44 24.67 -9.72
CA VAL A 114 9.70 23.51 -9.22
C VAL A 114 8.93 23.85 -7.94
N GLU A 115 8.67 25.13 -7.71
CA GLU A 115 7.70 25.54 -6.69
C GLU A 115 7.82 24.90 -5.32
N GLY A 116 8.35 25.65 -4.35
CA GLY A 116 8.53 25.17 -3.01
C GLY A 116 9.74 24.29 -2.81
N MET A 117 10.41 23.89 -3.90
CA MET A 117 11.62 23.09 -3.84
C MET A 117 12.73 23.86 -3.12
N VAL A 118 12.65 25.20 -3.15
CA VAL A 118 13.72 26.04 -2.64
C VAL A 118 13.84 25.94 -1.11
N GLU A 119 12.73 25.73 -0.41
CA GLU A 119 12.80 25.37 1.01
C GLU A 119 13.68 24.17 1.31
N ILE A 120 13.56 23.08 0.57
CA ILE A 120 14.39 21.92 0.90
C ILE A 120 15.82 22.19 0.47
N PHE A 121 16.00 22.93 -0.61
CA PHE A 121 17.32 23.39 -1.00
C PHE A 121 18.02 24.07 0.18
N ASP A 122 17.36 25.06 0.78
CA ASP A 122 17.95 25.76 1.92
C ASP A 122 18.28 24.79 3.06
N MET A 123 17.35 23.88 3.37
CA MET A 123 17.62 22.92 4.43
C MET A 123 18.79 22.03 4.07
N LEU A 124 18.88 21.60 2.81
CA LEU A 124 19.98 20.72 2.42
C LEU A 124 21.32 21.44 2.49
N LEU A 125 21.37 22.70 2.07
CA LEU A 125 22.63 23.42 2.17
C LEU A 125 23.05 23.62 3.63
N ALA A 126 22.08 23.86 4.52
CA ALA A 126 22.40 24.01 5.93
C ALA A 126 23.00 22.73 6.50
N THR A 127 22.51 21.57 6.06
CA THR A 127 23.07 20.31 6.51
C THR A 127 24.50 20.13 6.00
N SER A 128 24.74 20.44 4.72
CA SER A 128 26.10 20.34 4.20
C SER A 128 27.04 21.28 4.94
N SER A 129 26.59 22.52 5.22
CA SER A 129 27.42 23.43 5.99
C SER A 129 27.73 22.87 7.38
N ARG A 130 26.73 22.28 8.03
CA ARG A 130 26.97 21.68 9.34
C ARG A 130 28.03 20.57 9.26
N PHE A 131 27.93 19.69 8.25
CA PHE A 131 28.93 18.63 8.13
C PHE A 131 30.32 19.21 7.89
N ARG A 132 30.40 20.26 7.05
CA ARG A 132 31.68 20.92 6.82
C ARG A 132 32.22 21.53 8.12
N MET A 133 31.35 22.14 8.92
CA MET A 133 31.73 22.72 10.20
C MET A 133 32.14 21.69 11.23
N MET A 134 31.55 20.50 11.18
CA MET A 134 31.96 19.40 12.04
C MET A 134 33.15 18.67 11.44
N ASN A 135 33.42 18.89 10.13
CA ASN A 135 34.51 18.19 9.47
C ASN A 135 34.28 16.67 9.52
N LEU A 136 33.08 16.31 9.08
CA LEU A 136 32.63 14.94 8.99
C LEU A 136 33.55 14.13 8.11
N GLN A 137 33.97 12.97 8.61
CA GLN A 137 34.89 12.10 7.90
C GLN A 137 34.11 11.02 7.15
N GLY A 138 34.68 10.58 6.03
CA GLY A 138 34.00 9.60 5.20
C GLY A 138 33.60 8.36 5.97
N GLU A 139 34.49 7.88 6.85
CA GLU A 139 34.16 6.70 7.65
C GLU A 139 32.97 6.98 8.56
N GLU A 140 32.80 8.23 8.99
CA GLU A 140 31.63 8.59 9.78
C GLU A 140 30.39 8.66 8.90
N PHE A 141 30.53 9.24 7.70
CA PHE A 141 29.41 9.32 6.78
C PHE A 141 28.82 7.95 6.51
N VAL A 142 29.66 6.95 6.24
CA VAL A 142 29.10 5.64 5.88
C VAL A 142 28.42 5.02 7.08
N CYS A 143 28.92 5.22 8.29
CA CYS A 143 28.19 4.76 9.47
C CYS A 143 26.83 5.43 9.58
N LEU A 144 26.78 6.74 9.39
CA LEU A 144 25.53 7.47 9.51
C LEU A 144 24.49 7.01 8.50
N LYS A 145 24.91 6.79 7.26
CA LYS A 145 23.98 6.34 6.22
C LYS A 145 23.43 4.97 6.55
N SER A 146 24.27 4.10 7.13
CA SER A 146 23.79 2.78 7.55
C SER A 146 22.79 2.89 8.70
N ILE A 147 23.00 3.84 9.61
CA ILE A 147 22.05 4.02 10.71
C ILE A 147 20.68 4.42 10.16
N ILE A 148 20.64 5.34 9.18
CA ILE A 148 19.38 5.76 8.57
C ILE A 148 18.62 4.56 8.03
N LEU A 149 19.33 3.68 7.32
CA LEU A 149 18.70 2.50 6.73
C LEU A 149 18.08 1.61 7.78
N LEU A 150 18.81 1.32 8.86
CA LEU A 150 18.32 0.41 9.88
C LEU A 150 17.34 1.10 10.84
N ASN A 151 17.52 2.40 11.07
CA ASN A 151 16.69 3.09 12.06
C ASN A 151 15.34 3.56 11.55
N SER A 152 15.30 4.12 10.34
CA SER A 152 14.13 4.90 9.96
C SER A 152 12.85 4.10 9.99
N GLY A 153 12.91 2.81 9.67
CA GLY A 153 11.71 1.99 9.63
C GLY A 153 11.51 1.06 10.80
N VAL A 154 12.44 1.03 11.75
CA VAL A 154 12.37 -0.02 12.76
C VAL A 154 11.18 0.17 13.68
N TYR A 155 10.82 1.42 13.99
CA TYR A 155 9.75 1.68 14.94
C TYR A 155 8.36 1.53 14.34
N THR A 156 8.25 1.19 13.06
CA THR A 156 6.95 1.04 12.40
C THR A 156 6.72 -0.36 11.85
N PHE A 157 7.41 -1.37 12.38
CA PHE A 157 7.01 -2.76 12.11
C PHE A 157 5.66 -3.02 12.78
N SER A 160 3.02 -8.38 16.08
CA SER A 160 2.94 -8.83 17.47
C SER A 160 3.40 -10.27 17.58
N THR A 161 4.55 -10.58 16.98
CA THR A 161 5.03 -11.95 16.87
C THR A 161 6.40 -12.09 17.53
N LEU A 162 6.73 -13.34 17.87
CA LEU A 162 8.09 -13.64 18.31
C LEU A 162 9.10 -13.19 17.27
N LYS A 163 8.87 -13.53 16.00
CA LYS A 163 9.82 -13.20 14.95
C LYS A 163 9.97 -11.70 14.79
N SER A 164 8.85 -10.97 14.71
CA SER A 164 8.94 -9.52 14.65
C SER A 164 9.81 -8.99 15.77
N LEU A 165 9.78 -9.66 16.93
CA LEU A 165 10.48 -9.15 18.09
C LEU A 165 11.95 -9.49 17.97
N GLU A 166 12.24 -10.71 17.48
CA GLU A 166 13.61 -11.07 17.10
C GLU A 166 14.16 -10.13 16.04
N GLU A 167 13.34 -9.80 15.04
CA GLU A 167 13.83 -8.93 13.97
C GLU A 167 14.28 -7.57 14.53
N LYS A 168 13.45 -6.95 15.38
CA LYS A 168 13.81 -5.65 15.91
C LYS A 168 15.02 -5.73 16.83
N ASP A 169 15.07 -6.76 17.68
CA ASP A 169 16.22 -6.93 18.55
C ASP A 169 17.50 -6.99 17.73
N HIS A 170 17.45 -7.72 16.62
CA HIS A 170 18.60 -7.84 15.72
C HIS A 170 18.99 -6.48 15.15
N ILE A 171 18.00 -5.72 14.66
CA ILE A 171 18.27 -4.38 14.14
C ILE A 171 18.94 -3.53 15.21
N HIS A 172 18.43 -3.60 16.45
CA HIS A 172 18.99 -2.75 17.48
C HIS A 172 20.39 -3.19 17.87
N ARG A 173 20.68 -4.49 17.84
CA ARG A 173 22.03 -4.92 18.14
C ARG A 173 23.01 -4.47 17.06
N VAL A 174 22.59 -4.53 15.79
CA VAL A 174 23.43 -4.00 14.72
C VAL A 174 23.64 -2.50 14.88
N LEU A 175 22.56 -1.77 15.18
CA LEU A 175 22.71 -0.34 15.44
C LEU A 175 23.70 -0.09 16.57
N ASP A 176 23.66 -0.93 17.60
CA ASP A 176 24.67 -0.85 18.65
C ASP A 176 26.05 -1.10 18.10
N LYS A 177 26.21 -2.08 17.26
CA LYS A 177 27.57 -2.25 16.77
C LYS A 177 28.02 -1.07 15.96
N ILE A 178 27.12 -0.43 15.23
CA ILE A 178 27.54 0.72 14.45
C ILE A 178 27.86 1.90 15.36
N THR A 179 27.11 2.06 16.45
CA THR A 179 27.48 3.07 17.45
C THR A 179 28.88 2.82 18.00
N ASP A 180 29.19 1.56 18.35
CA ASP A 180 30.53 1.23 18.81
C ASP A 180 31.57 1.63 17.76
N THR A 181 31.25 1.44 16.49
CA THR A 181 32.20 1.74 15.43
C THR A 181 32.46 3.24 15.34
N LEU A 182 31.40 4.04 15.42
CA LEU A 182 31.57 5.48 15.39
C LEU A 182 32.46 5.95 16.55
N ILE A 183 32.18 5.47 17.76
CA ILE A 183 33.00 5.82 18.91
C ILE A 183 34.44 5.38 18.71
N HIS A 184 34.64 4.17 18.19
CA HIS A 184 36.01 3.69 17.97
C HIS A 184 36.75 4.56 16.98
N LEU A 185 36.05 5.03 15.95
CA LEU A 185 36.67 5.93 14.98
C LEU A 185 37.02 7.26 15.62
N MET A 186 36.14 7.79 16.47
CA MET A 186 36.46 9.04 17.15
C MET A 186 37.55 8.84 18.18
N ALA A 187 37.54 7.68 18.86
CA ALA A 187 38.61 7.38 19.80
C ALA A 187 39.95 7.28 19.09
N LYS A 188 40.01 6.57 17.95
CA LYS A 188 41.35 6.41 17.39
C LYS A 188 41.86 7.75 16.82
N ALA A 189 40.96 8.71 16.56
CA ALA A 189 41.33 10.02 16.05
C ALA A 189 41.83 10.98 17.13
N GLY A 190 41.77 10.58 18.40
CA GLY A 190 42.32 11.35 19.48
C GLY A 190 41.34 12.16 20.31
N LEU A 191 40.03 11.98 20.10
CA LEU A 191 39.04 12.69 20.89
C LEU A 191 38.93 12.09 22.29
N THR A 192 38.86 12.96 23.29
CA THR A 192 38.61 12.52 24.65
C THR A 192 37.23 11.85 24.74
N LEU A 193 36.99 11.17 25.86
CA LEU A 193 35.69 10.54 26.06
C LEU A 193 34.56 11.56 25.93
N GLN A 194 34.71 12.71 26.60
CA GLN A 194 33.67 13.72 26.54
C GLN A 194 33.41 14.16 25.11
N GLN A 195 34.48 14.43 24.37
CA GLN A 195 34.33 14.85 22.99
C GLN A 195 33.73 13.76 22.13
N GLN A 196 34.01 12.50 22.45
CA GLN A 196 33.47 11.39 21.69
C GLN A 196 31.95 11.32 21.81
N HIS A 197 31.44 11.34 23.04
N HIS A 197 31.42 11.34 23.03
CA HIS A 197 30.01 11.26 23.25
CA HIS A 197 29.98 11.22 23.15
C HIS A 197 29.30 12.51 22.73
C HIS A 197 29.25 12.53 22.84
N GLN A 198 29.93 13.68 22.90
CA GLN A 198 29.33 14.91 22.37
C GLN A 198 29.21 14.88 20.84
N ARG A 199 30.25 14.39 20.14
CA ARG A 199 30.19 14.33 18.68
C ARG A 199 29.18 13.29 18.22
N LEU A 200 29.15 12.13 18.87
CA LEU A 200 28.12 11.14 18.57
C LEU A 200 26.75 11.79 18.61
N ALA A 201 26.46 12.53 19.69
CA ALA A 201 25.17 13.18 19.82
C ALA A 201 24.93 14.17 18.69
N GLN A 202 25.93 15.00 18.38
CA GLN A 202 25.74 16.00 17.34
C GLN A 202 25.41 15.34 16.00
N LEU A 203 26.04 14.22 15.68
CA LEU A 203 25.78 13.54 14.42
C LEU A 203 24.39 12.90 14.42
N LEU A 204 23.99 12.25 15.50
CA LEU A 204 22.68 11.59 15.54
C LEU A 204 21.53 12.60 15.54
N LEU A 205 21.74 13.77 16.14
CA LEU A 205 20.70 14.78 16.12
C LEU A 205 20.51 15.39 14.73
N ILE A 206 21.57 15.46 13.91
CA ILE A 206 21.41 15.90 12.53
C ILE A 206 20.49 14.95 11.77
N LEU A 207 20.49 13.67 12.14
CA LEU A 207 19.62 12.72 11.45
C LEU A 207 18.16 13.07 11.64
N SER A 208 17.82 13.71 12.77
CA SER A 208 16.45 14.16 12.93
C SER A 208 16.11 15.22 11.90
N HIS A 209 17.08 16.08 11.54
CA HIS A 209 16.87 17.11 10.52
C HIS A 209 16.72 16.47 9.13
N ILE A 210 17.53 15.46 8.83
CA ILE A 210 17.41 14.76 7.56
C ILE A 210 16.04 14.10 7.45
N ARG A 211 15.55 13.49 8.54
CA ARG A 211 14.19 12.99 8.56
C ARG A 211 13.20 14.09 8.22
N HIS A 212 13.32 15.24 8.89
CA HIS A 212 12.44 16.37 8.61
C HIS A 212 12.47 16.74 7.12
N MET A 213 13.66 16.90 6.54
CA MET A 213 13.73 17.25 5.13
C MET A 213 13.08 16.20 4.25
N SER A 214 13.30 14.91 4.57
CA SER A 214 12.69 13.86 3.79
C SER A 214 11.18 13.93 3.86
N ASN A 215 10.62 14.20 5.06
CA ASN A 215 9.17 14.32 5.18
C ASN A 215 8.65 15.50 4.37
N LYS A 216 9.34 16.65 4.42
CA LYS A 216 8.83 17.82 3.70
C LYS A 216 8.88 17.59 2.19
N GLY A 217 9.92 16.89 1.72
CA GLY A 217 9.97 16.51 0.32
C GLY A 217 8.70 15.81 -0.13
N MET A 218 8.32 14.75 0.58
CA MET A 218 7.12 14.00 0.21
C MET A 218 5.86 14.86 0.32
N GLU A 219 5.74 15.62 1.41
CA GLU A 219 4.56 16.48 1.58
C GLU A 219 4.36 17.40 0.38
N HIS A 220 5.40 18.16 0.01
CA HIS A 220 5.29 19.04 -1.14
C HIS A 220 4.96 18.24 -2.39
N LEU A 221 5.64 17.12 -2.60
CA LEU A 221 5.26 16.14 -3.61
C LEU A 221 3.82 15.67 -3.38
N ASN A 228 3.11 6.85 -9.06
CA ASN A 228 3.87 7.99 -8.54
C ASN A 228 5.35 7.86 -8.84
N VAL A 229 6.10 8.91 -8.52
CA VAL A 229 7.55 8.86 -8.60
C VAL A 229 8.16 8.04 -7.46
N VAL A 230 7.40 7.81 -6.40
CA VAL A 230 7.94 7.11 -5.23
C VAL A 230 8.08 5.62 -5.55
N PRO A 231 9.19 4.97 -5.19
CA PRO A 231 9.33 3.54 -5.49
C PRO A 231 8.32 2.71 -4.71
N SER A 232 7.67 1.77 -5.40
CA SER A 232 6.62 0.99 -4.78
C SER A 232 7.23 -0.14 -3.95
N TYR A 233 6.39 -0.73 -3.11
CA TYR A 233 6.79 -1.93 -2.38
C TYR A 233 7.19 -3.04 -3.34
N ASP A 234 6.39 -3.25 -4.39
CA ASP A 234 6.69 -4.28 -5.38
C ASP A 234 8.01 -4.00 -6.08
N LEU A 235 8.19 -2.76 -6.52
CA LEU A 235 9.44 -2.39 -7.19
C LEU A 235 10.63 -2.71 -6.30
N LEU A 236 10.60 -2.24 -5.06
CA LEU A 236 11.70 -2.50 -4.14
C LEU A 236 11.90 -3.99 -3.92
N LEU A 237 10.80 -4.74 -3.77
CA LEU A 237 10.92 -6.17 -3.52
C LEU A 237 11.56 -6.88 -4.71
N GLU A 238 11.08 -6.58 -5.91
CA GLU A 238 11.67 -7.18 -7.10
C GLU A 238 13.18 -6.94 -7.14
N MET A 239 13.60 -5.70 -6.94
CA MET A 239 15.02 -5.35 -7.04
C MET A 239 15.85 -6.13 -6.05
N LEU A 240 15.31 -6.32 -4.84
CA LEU A 240 15.98 -7.04 -3.76
C LEU A 240 16.17 -8.50 -4.10
N ASP A 241 15.15 -9.13 -4.69
CA ASP A 241 15.23 -10.57 -4.95
C ASP A 241 16.22 -10.86 -6.07
N ALA A 242 16.37 -9.93 -7.02
CA ALA A 242 17.34 -10.08 -8.09
C ALA A 242 18.71 -9.60 -7.61
N SER B 1 26.88 32.36 30.33
CA SER B 1 25.58 31.76 30.58
C SER B 1 25.67 30.79 31.77
N LEU B 2 24.78 30.97 32.76
CA LEU B 2 24.78 30.04 33.89
C LEU B 2 24.57 28.60 33.44
N ALA B 3 23.88 28.39 32.32
CA ALA B 3 23.58 27.02 31.90
C ALA B 3 24.85 26.21 31.71
N LEU B 4 25.89 26.83 31.15
CA LEU B 4 27.11 26.11 30.80
C LEU B 4 27.95 25.76 32.01
N SER B 5 27.69 26.37 33.16
CA SER B 5 28.43 26.07 34.38
C SER B 5 27.77 25.00 35.23
N LEU B 6 26.62 24.48 34.83
CA LEU B 6 25.90 23.52 35.64
C LEU B 6 26.56 22.14 35.57
N THR B 7 26.56 21.44 36.70
CA THR B 7 26.89 20.03 36.70
C THR B 7 25.72 19.23 36.17
N ALA B 8 25.95 17.95 35.94
CA ALA B 8 24.88 17.06 35.47
C ALA B 8 23.73 17.00 36.46
N ASP B 9 24.04 16.91 37.75
CA ASP B 9 22.98 16.81 38.76
C ASP B 9 22.18 18.10 38.84
N GLN B 10 22.84 19.26 38.73
CA GLN B 10 22.14 20.55 38.76
C GLN B 10 21.27 20.75 37.52
N MET B 11 21.75 20.31 36.36
CA MET B 11 20.93 20.33 35.15
C MET B 11 19.67 19.48 35.35
N VAL B 12 19.82 18.26 35.85
CA VAL B 12 18.67 17.39 36.09
C VAL B 12 17.70 18.04 37.07
N SER B 13 18.22 18.55 38.19
CA SER B 13 17.35 19.17 39.18
C SER B 13 16.57 20.34 38.60
N ALA B 14 17.24 21.18 37.80
CA ALA B 14 16.55 22.29 37.15
C ALA B 14 15.40 21.79 36.28
N LEU B 15 15.68 20.76 35.46
CA LEU B 15 14.68 20.30 34.51
C LEU B 15 13.50 19.63 35.22
N LEU B 16 13.79 18.81 36.24
CA LEU B 16 12.73 18.18 37.02
C LEU B 16 11.87 19.23 37.71
N ASP B 17 12.49 20.30 38.20
CA ASP B 17 11.74 21.36 38.86
C ASP B 17 10.89 22.16 37.88
N ALA B 18 11.23 22.17 36.60
CA ALA B 18 10.48 22.92 35.61
C ALA B 18 9.33 22.12 35.00
N GLU B 19 9.19 20.85 35.37
CA GLU B 19 8.23 19.99 34.69
C GLU B 19 6.82 20.53 34.84
N PRO B 20 6.04 20.59 33.77
CA PRO B 20 4.65 21.05 33.90
C PRO B 20 3.80 20.02 34.62
N PRO B 21 2.71 20.43 35.25
CA PRO B 21 1.79 19.44 35.82
C PRO B 21 1.11 18.63 34.73
N ILE B 22 0.55 17.49 35.13
CA ILE B 22 -0.29 16.69 34.24
C ILE B 22 -1.70 17.24 34.30
N LEU B 23 -2.20 17.70 33.17
CA LEU B 23 -3.51 18.32 33.08
C LEU B 23 -4.59 17.28 32.80
N TYR B 24 -5.84 17.68 33.04
CA TYR B 24 -7.02 16.84 32.87
C TYR B 24 -7.83 17.29 31.66
N SER B 25 -8.49 16.32 31.04
CA SER B 25 -9.48 16.63 30.02
C SER B 25 -10.68 17.31 30.68
N GLU B 26 -11.31 18.22 29.95
CA GLU B 26 -12.46 18.95 30.46
C GLU B 26 -13.74 18.41 29.85
N GLU B 35 -16.50 12.34 15.92
CA GLU B 35 -15.25 12.86 15.37
C GLU B 35 -14.85 14.18 16.01
N ALA B 36 -15.66 15.22 15.81
CA ALA B 36 -15.30 16.56 16.27
C ALA B 36 -15.41 16.74 17.77
N SER B 37 -16.00 15.78 18.49
CA SER B 37 -15.95 15.82 19.96
C SER B 37 -14.64 15.25 20.48
N MET B 38 -14.04 14.32 19.75
CA MET B 38 -12.72 13.80 20.09
C MET B 38 -11.67 14.90 19.90
N MET B 39 -11.65 15.51 18.71
CA MET B 39 -10.77 16.66 18.50
C MET B 39 -11.06 17.77 19.48
N GLY B 40 -12.35 18.01 19.78
CA GLY B 40 -12.69 19.04 20.74
C GLY B 40 -11.93 18.90 22.04
N LEU B 41 -11.96 17.70 22.63
CA LEU B 41 -11.25 17.51 23.90
C LEU B 41 -9.75 17.57 23.72
N LEU B 42 -9.22 16.91 22.69
CA LEU B 42 -7.79 16.95 22.47
C LEU B 42 -7.31 18.37 22.23
N THR B 43 -8.08 19.15 21.46
CA THR B 43 -7.68 20.54 21.19
C THR B 43 -7.70 21.37 22.46
N ASN B 44 -8.76 21.24 23.26
CA ASN B 44 -8.85 21.98 24.52
C ASN B 44 -7.72 21.58 25.46
N LEU B 45 -7.38 20.29 25.49
CA LEU B 45 -6.26 19.84 26.32
C LEU B 45 -4.94 20.43 25.86
N ALA B 46 -4.64 20.28 24.56
CA ALA B 46 -3.38 20.79 24.04
C ALA B 46 -3.26 22.30 24.24
N ASP B 47 -4.37 23.03 24.06
CA ASP B 47 -4.34 24.48 24.24
C ASP B 47 -3.91 24.84 25.66
N ARG B 48 -4.43 24.11 26.66
CA ARG B 48 -4.03 24.38 28.03
C ARG B 48 -2.61 23.90 28.30
N GLU B 49 -2.18 22.80 27.66
CA GLU B 49 -0.80 22.35 27.83
C GLU B 49 0.19 23.35 27.24
N LEU B 50 -0.19 24.04 26.15
CA LEU B 50 0.74 24.96 25.50
C LEU B 50 1.14 26.08 26.43
N VAL B 51 0.21 26.58 27.25
CA VAL B 51 0.57 27.67 28.13
C VAL B 51 1.64 27.22 29.13
N HIS B 52 1.49 26.02 29.67
CA HIS B 52 2.50 25.49 30.57
C HIS B 52 3.82 25.22 29.85
N MET B 53 3.75 24.82 28.57
CA MET B 53 4.97 24.55 27.82
C MET B 53 5.82 25.81 27.63
N ILE B 54 5.18 26.93 27.33
CA ILE B 54 5.92 28.19 27.21
C ILE B 54 6.67 28.48 28.51
N ASN B 55 5.98 28.33 29.64
CA ASN B 55 6.62 28.64 30.91
C ASN B 55 7.65 27.61 31.30
N TRP B 56 7.47 26.35 30.88
CA TRP B 56 8.53 25.36 31.05
C TRP B 56 9.75 25.72 30.21
N ALA B 57 9.53 26.07 28.93
CA ALA B 57 10.67 26.37 28.07
C ALA B 57 11.55 27.46 28.66
N LYS B 58 10.94 28.51 29.23
CA LYS B 58 11.70 29.60 29.82
C LYS B 58 12.57 29.13 30.99
N ARG B 59 12.33 27.92 31.50
CA ARG B 59 13.09 27.40 32.63
C ARG B 59 14.12 26.35 32.22
N VAL B 60 14.19 26.01 30.94
CA VAL B 60 15.23 25.11 30.44
C VAL B 60 16.54 25.89 30.39
N PRO B 61 17.58 25.46 31.13
CA PRO B 61 18.80 26.27 31.20
C PRO B 61 19.31 26.59 29.81
N GLY B 62 19.66 27.86 29.60
CA GLY B 62 20.14 28.34 28.33
C GLY B 62 19.09 28.96 27.43
N PHE B 63 17.81 28.58 27.58
CA PHE B 63 16.79 29.00 26.63
C PHE B 63 16.60 30.51 26.66
N VAL B 64 16.48 31.09 27.84
CA VAL B 64 16.18 32.51 27.92
C VAL B 64 17.38 33.36 27.57
N ASP B 65 18.57 32.77 27.42
CA ASP B 65 19.70 33.55 26.92
C ASP B 65 19.52 33.90 25.45
N LEU B 66 18.61 33.23 24.76
CA LEU B 66 18.38 33.48 23.35
C LEU B 66 17.48 34.71 23.16
N THR B 67 17.52 35.25 21.96
CA THR B 67 16.58 36.33 21.62
C THR B 67 15.16 35.79 21.62
N SER B 68 14.21 36.70 21.83
CA SER B 68 12.80 36.32 21.77
C SER B 68 12.45 35.68 20.43
N HIS B 69 12.92 36.27 19.33
CA HIS B 69 12.64 35.68 18.02
C HIS B 69 13.13 34.25 17.94
N ASP B 70 14.35 33.97 18.43
CA ASP B 70 14.87 32.62 18.35
C ASP B 70 14.14 31.68 19.31
N GLN B 71 13.68 32.19 20.45
CA GLN B 71 12.91 31.34 21.35
C GLN B 71 11.62 30.88 20.68
N VAL B 72 10.99 31.78 19.92
CA VAL B 72 9.74 31.45 19.25
C VAL B 72 9.97 30.49 18.11
N HIS B 73 11.04 30.70 17.33
CA HIS B 73 11.32 29.77 16.25
C HIS B 73 11.49 28.35 16.78
N LEU B 74 12.21 28.20 17.90
CA LEU B 74 12.41 26.87 18.46
C LEU B 74 11.10 26.26 18.91
N LEU B 75 10.24 27.05 19.57
CA LEU B 75 8.95 26.53 20.02
C LEU B 75 8.02 26.23 18.85
N GLU B 76 8.03 27.11 17.83
CA GLU B 76 7.24 26.86 16.64
C GLU B 76 7.55 25.49 16.04
N CYS B 77 8.82 25.12 16.05
CA CYS B 77 9.28 23.90 15.40
C CYS B 77 9.06 22.68 16.29
N ALA B 78 9.03 22.86 17.61
CA ALA B 78 9.11 21.72 18.52
C ALA B 78 7.81 21.38 19.23
N TRP B 79 6.79 22.22 19.16
CA TRP B 79 5.70 22.12 20.13
C TRP B 79 4.93 20.81 20.01
N LEU B 80 4.67 20.34 18.78
CA LEU B 80 3.94 19.09 18.66
C LEU B 80 4.81 17.91 19.11
N GLU B 81 6.11 17.93 18.77
CA GLU B 81 7.01 16.90 19.27
C GLU B 81 7.04 16.85 20.78
N ILE B 82 7.02 18.02 21.42
CA ILE B 82 7.08 18.07 22.88
C ILE B 82 5.80 17.52 23.49
N LEU B 83 4.65 17.90 22.93
CA LEU B 83 3.38 17.31 23.37
C LEU B 83 3.38 15.81 23.19
N MET B 84 3.90 15.31 22.05
CA MET B 84 3.86 13.88 21.84
C MET B 84 4.82 13.14 22.77
N ILE B 85 6.00 13.70 23.05
CA ILE B 85 6.92 12.96 23.91
C ILE B 85 6.36 12.91 25.32
N GLY B 86 5.68 13.97 25.75
CA GLY B 86 5.00 13.94 27.03
C GLY B 86 3.93 12.87 27.09
N LEU B 87 3.15 12.76 26.01
CA LEU B 87 2.09 11.75 25.94
C LEU B 87 2.65 10.34 26.03
N VAL B 88 3.73 10.08 25.31
CA VAL B 88 4.33 8.75 25.30
C VAL B 88 4.91 8.41 26.66
N TRP B 89 5.49 9.41 27.34
CA TRP B 89 6.00 9.21 28.70
C TRP B 89 4.86 8.85 29.65
N ARG B 90 3.75 9.60 29.60
CA ARG B 90 2.59 9.32 30.43
C ARG B 90 2.03 7.92 30.17
N SER B 91 2.26 7.36 28.98
CA SER B 91 1.57 6.14 28.57
C SER B 91 2.37 4.86 28.76
N MET B 92 3.63 4.97 29.23
CA MET B 92 4.47 3.78 29.33
C MET B 92 3.82 2.65 30.09
N GLU B 93 3.24 2.94 31.25
CA GLU B 93 2.69 1.87 32.08
C GLU B 93 1.26 1.51 31.72
N HIS B 94 0.80 1.89 30.52
CA HIS B 94 -0.51 1.51 30.00
C HIS B 94 -0.33 0.90 28.62
N PRO B 95 0.24 -0.30 28.56
CA PRO B 95 0.51 -0.92 27.25
C PRO B 95 -0.74 -0.99 26.40
N GLY B 96 -0.52 -0.85 25.09
CA GLY B 96 -1.63 -0.78 24.19
C GLY B 96 -2.44 0.46 24.46
N LYS B 97 -2.10 1.31 25.40
CA LYS B 97 -2.92 2.56 25.42
C LYS B 97 -2.19 3.86 25.57
N LEU B 98 -2.95 4.88 25.21
CA LEU B 98 -2.47 6.26 25.25
C LEU B 98 -3.18 7.11 26.30
N LEU B 99 -2.45 7.57 27.31
CA LEU B 99 -3.02 8.36 28.40
C LEU B 99 -2.87 9.84 28.05
N PHE B 100 -3.83 10.37 27.30
CA PHE B 100 -3.82 11.80 27.01
C PHE B 100 -4.01 12.60 28.30
N ALA B 101 -4.82 12.10 29.21
CA ALA B 101 -4.97 12.69 30.54
C ALA B 101 -5.41 11.59 31.48
N PRO B 102 -5.29 11.80 32.80
CA PRO B 102 -5.71 10.76 33.75
C PRO B 102 -7.14 10.30 33.53
N ASN B 103 -7.99 11.16 32.97
CA ASN B 103 -9.39 10.86 32.70
C ASN B 103 -9.66 10.71 31.22
N LEU B 104 -8.64 10.37 30.42
CA LEU B 104 -8.81 10.26 28.97
C LEU B 104 -7.75 9.26 28.49
N LEU B 105 -8.05 7.98 28.71
CA LEU B 105 -7.15 6.87 28.40
C LEU B 105 -7.74 6.13 27.21
N LEU B 106 -7.01 6.11 26.10
CA LEU B 106 -7.58 5.74 24.80
C LEU B 106 -6.85 4.55 24.21
N ASP B 107 -7.62 3.65 23.63
CA ASP B 107 -7.07 2.46 22.99
C ASP B 107 -7.06 2.66 21.48
N ARG B 108 -6.57 1.64 20.77
CA ARG B 108 -6.40 1.73 19.33
C ARG B 108 -7.72 2.05 18.63
N ASN B 109 -8.80 1.39 19.04
CA ASN B 109 -10.07 1.54 18.35
C ASN B 109 -10.64 2.94 18.45
N GLN B 110 -10.25 3.70 19.47
CA GLN B 110 -10.72 5.08 19.61
C GLN B 110 -9.89 6.05 18.81
N GLY B 111 -8.67 5.64 18.44
CA GLY B 111 -8.01 6.34 17.38
C GLY B 111 -8.85 6.45 16.11
N LYS B 112 -9.58 5.41 15.71
CA LYS B 112 -10.08 5.48 14.32
C LYS B 112 -11.10 6.50 14.17
N CYS B 113 -11.56 7.03 15.29
CA CYS B 113 -12.68 7.95 15.28
C CYS B 113 -12.45 9.14 14.36
N VAL B 114 -11.20 9.36 13.95
CA VAL B 114 -10.82 10.48 13.09
C VAL B 114 -9.98 9.91 11.96
N GLU B 115 -10.22 10.40 10.76
CA GLU B 115 -9.74 9.78 9.53
C GLU B 115 -8.32 9.24 9.58
N GLY B 116 -7.33 10.13 9.58
CA GLY B 116 -5.96 9.64 9.47
C GLY B 116 -5.30 9.63 10.85
N MET B 117 -6.04 9.14 11.86
CA MET B 117 -5.59 9.53 13.18
C MET B 117 -4.99 8.34 13.87
N VAL B 118 -5.40 7.17 13.37
CA VAL B 118 -4.91 5.89 13.82
C VAL B 118 -3.47 5.65 13.41
N GLU B 119 -3.07 6.09 12.21
CA GLU B 119 -1.66 5.92 11.84
C GLU B 119 -0.76 6.53 12.90
N ILE B 120 -1.17 7.68 13.44
CA ILE B 120 -0.33 8.37 14.41
C ILE B 120 -0.38 7.67 15.77
N PHE B 121 -1.56 7.19 16.18
CA PHE B 121 -1.67 6.47 17.44
C PHE B 121 -0.78 5.24 17.46
N ASP B 122 -0.78 4.47 16.36
CA ASP B 122 0.08 3.31 16.27
C ASP B 122 1.54 3.68 16.45
N MET B 123 1.97 4.76 15.81
CA MET B 123 3.36 5.20 15.98
C MET B 123 3.62 5.66 17.41
N LEU B 124 2.64 6.31 18.03
CA LEU B 124 2.82 6.73 19.41
C LEU B 124 2.92 5.52 20.33
N LEU B 125 2.08 4.51 20.11
CA LEU B 125 2.14 3.31 20.94
C LEU B 125 3.49 2.62 20.78
N ALA B 126 4.02 2.59 19.56
CA ALA B 126 5.33 1.99 19.33
C ALA B 126 6.42 2.74 20.05
N THR B 127 6.27 4.06 20.20
CA THR B 127 7.26 4.82 20.94
C THR B 127 7.19 4.50 22.43
N SER B 128 5.97 4.40 22.99
CA SER B 128 5.84 4.07 24.40
C SER B 128 6.44 2.70 24.70
N SER B 129 6.17 1.72 23.83
CA SER B 129 6.71 0.37 24.02
C SER B 129 8.23 0.37 23.95
N ARG B 130 8.80 1.17 23.05
CA ARG B 130 10.24 1.34 23.00
C ARG B 130 10.77 1.90 24.32
N PHE B 131 10.14 2.97 24.82
CA PHE B 131 10.56 3.52 26.11
C PHE B 131 10.45 2.48 27.21
N ARG B 132 9.37 1.69 27.22
CA ARG B 132 9.19 0.64 28.22
C ARG B 132 10.27 -0.44 28.09
N MET B 133 10.50 -0.88 26.84
CA MET B 133 11.60 -1.78 26.49
C MET B 133 12.90 -1.34 27.15
N MET B 134 13.23 -0.05 27.01
CA MET B 134 14.53 0.46 27.45
C MET B 134 14.56 0.90 28.91
N ASN B 135 13.43 0.85 29.62
CA ASN B 135 13.37 1.30 31.00
C ASN B 135 13.73 2.77 31.12
N LEU B 136 13.25 3.59 30.19
CA LEU B 136 13.54 5.03 30.23
C LEU B 136 13.19 5.61 31.59
N GLN B 137 14.13 6.36 32.17
CA GLN B 137 13.99 6.97 33.48
C GLN B 137 13.53 8.42 33.33
N GLY B 138 12.82 8.91 34.35
CA GLY B 138 12.31 10.27 34.30
C GLY B 138 13.41 11.30 34.12
N GLU B 139 14.59 11.06 34.70
CA GLU B 139 15.69 11.99 34.51
C GLU B 139 16.14 11.99 33.05
N GLU B 140 16.05 10.85 32.37
CA GLU B 140 16.39 10.81 30.96
C GLU B 140 15.33 11.48 30.12
N PHE B 141 14.06 11.30 30.50
CA PHE B 141 12.96 11.90 29.76
C PHE B 141 13.07 13.42 29.71
N VAL B 142 13.32 14.06 30.87
CA VAL B 142 13.36 15.52 30.87
C VAL B 142 14.53 16.02 30.04
N CYS B 143 15.65 15.30 30.04
CA CYS B 143 16.74 15.66 29.15
C CYS B 143 16.31 15.57 27.69
N LEU B 144 15.59 14.49 27.31
CA LEU B 144 15.24 14.31 25.91
C LEU B 144 14.27 15.38 25.46
N LYS B 145 13.33 15.76 26.33
CA LYS B 145 12.37 16.80 25.97
C LYS B 145 13.06 18.13 25.75
N SER B 146 14.04 18.45 26.57
CA SER B 146 14.78 19.70 26.38
C SER B 146 15.68 19.63 25.15
N ILE B 147 16.18 18.45 24.79
CA ILE B 147 16.90 18.31 23.53
C ILE B 147 16.00 18.63 22.34
N ILE B 148 14.74 18.17 22.39
CA ILE B 148 13.81 18.44 21.30
C ILE B 148 13.62 19.94 21.14
N LEU B 149 13.41 20.65 22.25
CA LEU B 149 13.18 22.09 22.21
C LEU B 149 14.33 22.81 21.54
N LEU B 150 15.57 22.46 21.88
CA LEU B 150 16.73 23.20 21.38
C LEU B 150 17.15 22.72 20.00
N ASN B 151 16.95 21.43 19.70
CA ASN B 151 17.47 20.89 18.45
C ASN B 151 16.54 21.07 17.26
N SER B 152 15.23 20.96 17.48
CA SER B 152 14.34 20.77 16.33
C SER B 152 14.36 21.95 15.38
N GLY B 153 14.54 23.16 15.89
CA GLY B 153 14.56 24.32 15.04
C GLY B 153 15.91 24.91 14.76
N VAL B 154 16.99 24.29 15.25
CA VAL B 154 18.30 24.96 15.19
C VAL B 154 18.84 24.99 13.77
N TYR B 155 18.45 24.03 12.92
CA TYR B 155 18.98 23.97 11.56
C TYR B 155 18.17 24.80 10.58
N THR B 156 17.14 25.52 11.05
CA THR B 156 16.31 26.31 10.15
C THR B 156 16.27 27.79 10.49
N PHE B 157 17.21 28.28 11.29
CA PHE B 157 17.35 29.73 11.45
C PHE B 157 17.71 30.37 10.11
N LEU B 158 16.92 31.36 9.70
CA LEU B 158 17.09 31.93 8.36
C LEU B 158 18.17 33.01 8.30
N SER B 159 18.56 33.58 9.44
CA SER B 159 19.50 34.68 9.45
C SER B 159 20.93 34.20 9.30
N SER B 160 21.82 35.14 8.97
CA SER B 160 23.26 34.90 8.94
C SER B 160 24.04 36.02 9.64
N THR B 161 23.37 36.79 10.51
CA THR B 161 24.05 37.83 11.26
C THR B 161 25.03 37.22 12.26
N LEU B 162 25.94 38.05 12.78
CA LEU B 162 26.81 37.58 13.86
C LEU B 162 25.97 37.03 15.02
N LYS B 163 24.90 37.75 15.40
CA LYS B 163 24.03 37.28 16.48
C LYS B 163 23.47 35.90 16.19
N SER B 164 23.02 35.66 14.95
CA SER B 164 22.43 34.37 14.65
C SER B 164 23.47 33.26 14.78
N LEU B 165 24.71 33.53 14.37
CA LEU B 165 25.78 32.55 14.52
C LEU B 165 26.08 32.26 15.98
N GLU B 166 26.07 33.30 16.81
CA GLU B 166 26.29 33.17 18.25
C GLU B 166 25.12 32.47 18.93
N GLU B 167 23.90 32.66 18.44
CA GLU B 167 22.76 31.95 19.00
C GLU B 167 22.85 30.47 18.71
N LYS B 168 23.16 30.11 17.45
CA LYS B 168 23.28 28.70 17.08
C LYS B 168 24.39 28.03 17.87
N ASP B 169 25.50 28.73 18.06
CA ASP B 169 26.63 28.16 18.79
C ASP B 169 26.28 27.96 20.26
N HIS B 170 25.56 28.90 20.86
CA HIS B 170 25.07 28.71 22.23
C HIS B 170 24.17 27.49 22.34
N ILE B 171 23.25 27.32 21.39
CA ILE B 171 22.34 26.18 21.44
C ILE B 171 23.11 24.87 21.42
N HIS B 172 24.13 24.78 20.57
CA HIS B 172 24.92 23.56 20.50
C HIS B 172 25.75 23.33 21.75
N ARG B 173 26.25 24.40 22.38
CA ARG B 173 26.94 24.20 23.65
C ARG B 173 25.98 23.68 24.72
N VAL B 174 24.75 24.23 24.77
CA VAL B 174 23.79 23.74 25.76
C VAL B 174 23.44 22.28 25.47
N LEU B 175 23.27 21.94 24.19
CA LEU B 175 23.00 20.56 23.82
C LEU B 175 24.15 19.65 24.24
N ASP B 176 25.39 20.11 24.12
CA ASP B 176 26.52 19.32 24.61
C ASP B 176 26.42 19.11 26.11
N LYS B 177 26.00 20.14 26.86
CA LYS B 177 25.82 19.98 28.30
C LYS B 177 24.77 18.91 28.59
N ILE B 178 23.67 18.89 27.84
CA ILE B 178 22.67 17.88 28.10
C ILE B 178 23.19 16.50 27.74
N THR B 179 23.97 16.37 26.65
CA THR B 179 24.61 15.10 26.36
C THR B 179 25.45 14.65 27.55
N ASP B 180 26.29 15.55 28.08
CA ASP B 180 27.11 15.20 29.23
C ASP B 180 26.24 14.73 30.39
N THR B 181 25.10 15.41 30.62
CA THR B 181 24.19 15.06 31.70
C THR B 181 23.64 13.65 31.51
N LEU B 182 23.21 13.33 30.29
CA LEU B 182 22.70 11.99 30.01
C LEU B 182 23.74 10.93 30.31
N ILE B 183 24.99 11.17 29.89
CA ILE B 183 26.06 10.22 30.11
C ILE B 183 26.36 10.08 31.61
N HIS B 184 26.36 11.20 32.32
CA HIS B 184 26.61 11.14 33.76
C HIS B 184 25.54 10.29 34.45
N LEU B 185 24.27 10.54 34.12
CA LEU B 185 23.20 9.77 34.74
C LEU B 185 23.38 8.27 34.51
N MET B 186 23.75 7.90 33.29
CA MET B 186 23.98 6.49 33.00
C MET B 186 25.18 5.96 33.78
N ALA B 187 26.28 6.73 33.82
CA ALA B 187 27.44 6.30 34.58
C ALA B 187 27.09 6.10 36.05
N LYS B 188 26.29 7.01 36.62
CA LYS B 188 25.89 6.87 38.01
C LYS B 188 25.09 5.59 38.23
N ALA B 189 24.26 5.21 37.26
CA ALA B 189 23.43 4.02 37.36
C ALA B 189 24.22 2.74 37.14
N GLY B 190 25.52 2.81 36.86
CA GLY B 190 26.34 1.64 36.77
C GLY B 190 26.60 1.09 35.38
N LEU B 191 26.21 1.82 34.33
CA LEU B 191 26.45 1.34 32.97
C LEU B 191 27.93 1.46 32.62
N THR B 192 28.44 0.46 31.89
CA THR B 192 29.80 0.55 31.38
C THR B 192 29.89 1.64 30.31
N LEU B 193 31.12 2.03 29.97
CA LEU B 193 31.25 3.06 28.95
C LEU B 193 30.61 2.62 27.64
N GLN B 194 30.88 1.38 27.22
CA GLN B 194 30.22 0.91 26.00
C GLN B 194 28.71 1.02 26.12
N GLN B 195 28.16 0.63 27.27
CA GLN B 195 26.71 0.75 27.46
C GLN B 195 26.28 2.20 27.44
N GLN B 196 27.08 3.09 28.01
CA GLN B 196 26.73 4.52 28.03
C GLN B 196 26.57 5.05 26.61
N HIS B 197 27.57 4.85 25.76
CA HIS B 197 27.38 5.43 24.45
C HIS B 197 26.28 4.71 23.66
N GLN B 198 26.09 3.41 23.89
CA GLN B 198 25.04 2.69 23.17
C GLN B 198 23.67 3.24 23.54
N ARG B 199 23.43 3.48 24.84
CA ARG B 199 22.11 3.94 25.26
C ARG B 199 21.86 5.38 24.83
N LEU B 200 22.88 6.23 24.90
CA LEU B 200 22.75 7.59 24.38
C LEU B 200 22.27 7.56 22.93
N ALA B 201 22.92 6.74 22.10
CA ALA B 201 22.54 6.64 20.69
C ALA B 201 21.11 6.13 20.54
N GLN B 202 20.76 5.08 21.28
CA GLN B 202 19.39 4.60 21.22
C GLN B 202 18.39 5.70 21.56
N LEU B 203 18.69 6.53 22.56
CA LEU B 203 17.73 7.54 22.97
C LEU B 203 17.59 8.63 21.90
N LEU B 204 18.71 9.03 21.30
CA LEU B 204 18.68 10.11 20.34
C LEU B 204 18.09 9.66 19.00
N LEU B 205 18.22 8.38 18.66
CA LEU B 205 17.62 7.87 17.43
C LEU B 205 16.11 7.84 17.54
N ILE B 206 15.57 7.71 18.75
CA ILE B 206 14.12 7.76 18.88
C ILE B 206 13.61 9.16 18.56
N LEU B 207 14.41 10.19 18.81
CA LEU B 207 14.00 11.55 18.46
C LEU B 207 13.73 11.71 16.96
N SER B 208 14.40 10.92 16.12
CA SER B 208 14.08 10.95 14.69
C SER B 208 12.68 10.43 14.40
N HIS B 209 12.26 9.37 15.09
CA HIS B 209 10.89 8.89 14.93
C HIS B 209 9.88 9.89 15.47
N ILE B 210 10.22 10.62 16.55
CA ILE B 210 9.30 11.63 17.07
C ILE B 210 9.19 12.78 16.09
N ARG B 211 10.30 13.17 15.46
CA ARG B 211 10.19 14.19 14.41
C ARG B 211 9.19 13.70 13.36
N HIS B 212 9.35 12.44 12.95
CA HIS B 212 8.53 11.83 11.91
C HIS B 212 7.04 11.84 12.27
N MET B 213 6.70 11.39 13.49
CA MET B 213 5.31 11.44 13.91
C MET B 213 4.76 12.86 13.89
N SER B 214 5.53 13.83 14.39
CA SER B 214 5.09 15.22 14.35
C SER B 214 4.84 15.68 12.92
N ASN B 215 5.76 15.41 12.01
CA ASN B 215 5.58 15.84 10.63
C ASN B 215 4.32 15.22 10.02
N LYS B 216 4.07 13.92 10.27
CA LYS B 216 2.89 13.27 9.70
C LYS B 216 1.62 13.81 10.34
N GLY B 217 1.65 14.07 11.64
CA GLY B 217 0.52 14.71 12.28
C GLY B 217 0.13 15.99 11.57
N MET B 218 1.12 16.83 11.26
CA MET B 218 0.86 18.06 10.54
C MET B 218 0.33 17.76 9.14
N GLU B 219 0.98 16.86 8.42
CA GLU B 219 0.56 16.58 7.05
C GLU B 219 -0.92 16.19 7.00
N HIS B 220 -1.33 15.27 7.89
CA HIS B 220 -2.73 14.86 7.94
C HIS B 220 -3.63 16.06 8.24
N LEU B 221 -3.22 16.88 9.20
CA LEU B 221 -4.08 17.98 9.61
C LEU B 221 -4.22 19.03 8.51
N TYR B 222 -3.22 19.19 7.65
CA TYR B 222 -3.36 20.07 6.50
C TYR B 222 -3.94 19.23 5.35
N LYS B 227 -10.68 24.12 11.09
CA LYS B 227 -9.67 23.40 11.87
C LYS B 227 -8.37 24.20 11.99
N ASN B 228 -8.50 25.51 12.16
CA ASN B 228 -7.35 26.38 12.38
C ASN B 228 -6.79 26.14 13.77
N VAL B 229 -5.57 25.58 13.88
CA VAL B 229 -5.10 25.29 15.23
C VAL B 229 -3.59 25.24 15.47
N VAL B 230 -2.78 25.53 14.47
CA VAL B 230 -1.34 25.41 14.66
C VAL B 230 -0.88 26.75 15.24
N PRO B 231 -0.21 26.82 16.40
CA PRO B 231 0.12 28.15 16.94
C PRO B 231 1.07 28.90 16.02
N SER B 232 0.74 30.16 15.74
CA SER B 232 1.53 30.94 14.82
C SER B 232 2.74 31.55 15.51
N TYR B 233 3.67 32.05 14.70
CA TYR B 233 4.81 32.79 15.22
C TYR B 233 4.35 33.94 16.12
N ASP B 234 3.33 34.68 15.70
CA ASP B 234 2.91 35.85 16.45
C ASP B 234 2.22 35.47 17.75
N LEU B 235 1.40 34.41 17.72
CA LEU B 235 0.82 33.90 18.97
C LEU B 235 1.94 33.52 19.95
N LEU B 236 2.88 32.68 19.52
CA LEU B 236 3.96 32.28 20.41
C LEU B 236 4.73 33.48 20.93
N LEU B 237 4.92 34.50 20.08
CA LEU B 237 5.66 35.68 20.53
C LEU B 237 4.92 36.39 21.64
N GLU B 238 3.61 36.57 21.48
CA GLU B 238 2.76 37.18 22.50
C GLU B 238 2.80 36.37 23.79
N MET B 239 2.60 35.05 23.70
CA MET B 239 2.59 34.20 24.89
C MET B 239 3.93 34.23 25.62
N LEU B 240 5.03 34.39 24.89
CA LEU B 240 6.36 34.34 25.47
C LEU B 240 6.73 35.69 26.08
N ASP B 241 6.15 36.78 25.58
CA ASP B 241 6.33 38.08 26.21
C ASP B 241 5.59 38.11 27.55
N LEU C 2 4.50 -31.11 -7.34
CA LEU C 2 3.74 -32.05 -6.51
C LEU C 2 2.24 -31.94 -6.77
N ALA C 3 1.72 -30.71 -6.75
CA ALA C 3 0.29 -30.54 -7.00
C ALA C 3 -0.09 -30.97 -8.40
N LEU C 4 0.80 -30.78 -9.37
CA LEU C 4 0.52 -31.15 -10.75
C LEU C 4 0.58 -32.66 -10.96
N SER C 5 1.07 -33.41 -9.98
CA SER C 5 1.07 -34.86 -10.07
C SER C 5 -0.24 -35.48 -9.61
N LEU C 6 -1.13 -34.71 -8.99
CA LEU C 6 -2.34 -35.29 -8.43
C LEU C 6 -3.32 -35.70 -9.52
N THR C 7 -4.03 -36.80 -9.28
CA THR C 7 -5.14 -37.20 -10.13
C THR C 7 -6.37 -36.37 -9.78
N ALA C 8 -7.41 -36.53 -10.60
CA ALA C 8 -8.64 -35.80 -10.35
C ALA C 8 -9.21 -36.16 -8.98
N ASP C 9 -9.34 -37.48 -8.70
CA ASP C 9 -9.91 -37.79 -7.40
C ASP C 9 -8.99 -37.30 -6.28
N GLN C 10 -7.66 -37.36 -6.46
CA GLN C 10 -6.78 -36.87 -5.40
C GLN C 10 -7.00 -35.38 -5.13
N MET C 11 -7.23 -34.61 -6.20
CA MET C 11 -7.46 -33.18 -6.06
C MET C 11 -8.80 -32.92 -5.36
N VAL C 12 -9.85 -33.64 -5.73
CA VAL C 12 -11.14 -33.50 -5.05
C VAL C 12 -10.99 -33.78 -3.55
N SER C 13 -10.34 -34.89 -3.21
CA SER C 13 -10.16 -35.24 -1.80
C SER C 13 -9.39 -34.16 -1.05
N ALA C 14 -8.29 -33.69 -1.64
CA ALA C 14 -7.50 -32.64 -0.99
C ALA C 14 -8.35 -31.40 -0.74
N LEU C 15 -9.11 -30.96 -1.74
CA LEU C 15 -9.92 -29.77 -1.57
C LEU C 15 -11.00 -29.97 -0.51
N LEU C 16 -11.68 -31.12 -0.56
CA LEU C 16 -12.72 -31.38 0.42
C LEU C 16 -12.14 -31.41 1.83
N ASP C 17 -10.99 -32.07 2.00
CA ASP C 17 -10.36 -32.14 3.32
C ASP C 17 -9.96 -30.76 3.83
N ALA C 18 -9.69 -29.82 2.92
CA ALA C 18 -9.19 -28.50 3.29
C ALA C 18 -10.29 -27.54 3.71
N GLU C 19 -11.55 -27.93 3.57
CA GLU C 19 -12.66 -27.00 3.76
C GLU C 19 -12.59 -26.39 5.15
N PRO C 20 -12.83 -25.09 5.29
CA PRO C 20 -12.79 -24.45 6.60
C PRO C 20 -14.07 -24.73 7.38
N PRO C 21 -14.07 -24.51 8.69
CA PRO C 21 -15.29 -24.74 9.47
C PRO C 21 -16.33 -23.66 9.25
N ILE C 22 -17.56 -23.99 9.62
CA ILE C 22 -18.63 -23.00 9.68
C ILE C 22 -18.57 -22.32 11.04
N LEU C 23 -18.52 -20.99 11.04
CA LEU C 23 -18.45 -20.23 12.28
C LEU C 23 -19.81 -19.64 12.62
N TYR C 24 -20.03 -19.41 13.91
CA TYR C 24 -21.25 -18.75 14.36
C TYR C 24 -21.03 -17.24 14.46
N SER C 25 -22.12 -16.49 14.33
CA SER C 25 -22.09 -15.06 14.59
C SER C 25 -22.04 -14.84 16.11
N GLU C 26 -21.67 -13.62 16.51
CA GLU C 26 -21.69 -13.27 17.92
C GLU C 26 -23.05 -13.58 18.51
N TYR C 27 -23.04 -14.21 19.67
CA TYR C 27 -24.27 -14.71 20.27
C TYR C 27 -25.14 -13.59 20.82
N ASP C 28 -26.46 -13.77 20.69
CA ASP C 28 -27.49 -12.88 21.20
C ASP C 28 -27.10 -11.40 21.09
N PRO C 29 -26.95 -10.87 19.89
CA PRO C 29 -26.79 -9.43 19.72
C PRO C 29 -28.12 -8.73 19.94
N THR C 30 -28.07 -7.42 20.14
CA THR C 30 -29.31 -6.67 20.28
C THR C 30 -30.05 -6.71 18.95
N ARG C 31 -31.28 -7.22 18.96
CA ARG C 31 -32.16 -7.05 17.82
C ARG C 31 -33.37 -6.21 18.22
N PRO C 32 -33.88 -5.36 17.32
CA PRO C 32 -33.45 -5.16 15.92
C PRO C 32 -32.05 -4.60 15.81
N PHE C 33 -31.40 -4.83 14.67
CA PHE C 33 -30.07 -4.28 14.46
C PHE C 33 -30.17 -2.80 14.14
N SER C 34 -29.09 -2.09 14.41
CA SER C 34 -28.85 -0.77 13.83
C SER C 34 -27.87 -0.92 12.67
N GLU C 35 -27.70 0.16 11.92
CA GLU C 35 -26.68 0.16 10.87
C GLU C 35 -25.33 -0.23 11.46
N ALA C 36 -24.98 0.34 12.61
CA ALA C 36 -23.66 0.11 13.18
C ALA C 36 -23.53 -1.28 13.82
N SER C 37 -24.61 -1.80 14.41
CA SER C 37 -24.49 -3.11 15.05
C SER C 37 -24.46 -4.23 14.02
N MET C 38 -25.18 -4.09 12.90
CA MET C 38 -25.14 -5.15 11.90
C MET C 38 -23.77 -5.18 11.22
N MET C 39 -23.25 -4.00 10.86
CA MET C 39 -21.91 -3.94 10.29
C MET C 39 -20.89 -4.53 11.26
N GLY C 40 -21.07 -4.29 12.56
CA GLY C 40 -20.13 -4.85 13.55
C GLY C 40 -20.19 -6.36 13.61
N LEU C 41 -21.39 -6.92 13.58
CA LEU C 41 -21.55 -8.37 13.60
C LEU C 41 -20.92 -9.00 12.35
N LEU C 42 -21.19 -8.40 11.19
CA LEU C 42 -20.64 -8.96 9.97
C LEU C 42 -19.12 -8.83 9.93
N THR C 43 -18.58 -7.68 10.35
CA THR C 43 -17.13 -7.51 10.39
C THR C 43 -16.47 -8.53 11.31
N ASN C 44 -17.03 -8.72 12.51
CA ASN C 44 -16.45 -9.68 13.46
C ASN C 44 -16.46 -11.09 12.89
N LEU C 45 -17.55 -11.49 12.26
CA LEU C 45 -17.62 -12.80 11.65
C LEU C 45 -16.58 -12.94 10.53
N ALA C 46 -16.52 -11.94 9.65
CA ALA C 46 -15.56 -12.00 8.55
C ALA C 46 -14.13 -12.07 9.05
N ASP C 47 -13.80 -11.29 10.08
CA ASP C 47 -12.45 -11.29 10.64
C ASP C 47 -12.06 -12.66 11.19
N ARG C 48 -13.02 -13.37 11.79
CA ARG C 48 -12.72 -14.72 12.28
C ARG C 48 -12.67 -15.74 11.15
N GLU C 49 -13.48 -15.56 10.10
CA GLU C 49 -13.40 -16.45 8.95
C GLU C 49 -12.06 -16.29 8.22
N LEU C 50 -11.49 -15.09 8.21
CA LEU C 50 -10.26 -14.86 7.47
C LEU C 50 -9.13 -15.77 7.94
N VAL C 51 -9.02 -15.98 9.26
CA VAL C 51 -7.97 -16.85 9.78
C VAL C 51 -8.10 -18.25 9.18
N HIS C 52 -9.30 -18.81 9.19
CA HIS C 52 -9.50 -20.14 8.64
C HIS C 52 -9.37 -20.14 7.12
N MET C 53 -9.68 -19.01 6.46
CA MET C 53 -9.41 -18.91 5.02
C MET C 53 -7.94 -19.08 4.70
N ILE C 54 -7.05 -18.50 5.52
CA ILE C 54 -5.63 -18.64 5.26
C ILE C 54 -5.20 -20.10 5.41
N ASN C 55 -5.69 -20.77 6.45
CA ASN C 55 -5.36 -22.19 6.61
C ASN C 55 -5.86 -23.01 5.42
N TRP C 56 -7.06 -22.70 4.93
CA TRP C 56 -7.60 -23.37 3.76
C TRP C 56 -6.72 -23.10 2.53
N ALA C 57 -6.40 -21.82 2.31
CA ALA C 57 -5.57 -21.47 1.15
C ALA C 57 -4.27 -22.26 1.13
N LYS C 58 -3.63 -22.39 2.30
CA LYS C 58 -2.35 -23.08 2.37
C LYS C 58 -2.46 -24.54 1.94
N ARG C 59 -3.67 -25.11 1.96
CA ARG C 59 -3.92 -26.49 1.59
C ARG C 59 -4.49 -26.66 0.19
N VAL C 60 -4.68 -25.56 -0.55
CA VAL C 60 -5.08 -25.65 -1.95
C VAL C 60 -3.85 -26.11 -2.72
N PRO C 61 -3.86 -27.27 -3.36
CA PRO C 61 -2.65 -27.76 -4.04
C PRO C 61 -2.06 -26.72 -4.98
N GLY C 62 -0.76 -26.49 -4.82
CA GLY C 62 -0.04 -25.51 -5.62
C GLY C 62 0.10 -24.15 -4.96
N PHE C 63 -0.79 -23.79 -4.03
CA PHE C 63 -0.74 -22.45 -3.46
C PHE C 63 0.58 -22.20 -2.77
N VAL C 64 1.04 -23.14 -1.95
CA VAL C 64 2.25 -22.88 -1.16
C VAL C 64 3.53 -22.98 -1.97
N ASP C 65 3.47 -23.46 -3.21
CA ASP C 65 4.65 -23.41 -4.06
C ASP C 65 5.01 -21.98 -4.42
N LEU C 66 4.09 -21.04 -4.26
CA LEU C 66 4.33 -19.67 -4.64
C LEU C 66 5.10 -18.94 -3.55
N THR C 67 5.76 -17.85 -3.93
CA THR C 67 6.39 -16.98 -2.95
C THR C 67 5.33 -16.46 -1.99
N SER C 68 5.78 -16.11 -0.78
CA SER C 68 4.90 -15.50 0.20
C SER C 68 4.22 -14.26 -0.37
N HIS C 69 4.99 -13.42 -1.06
CA HIS C 69 4.46 -12.21 -1.65
C HIS C 69 3.31 -12.52 -2.60
N ASP C 70 3.49 -13.52 -3.47
CA ASP C 70 2.44 -13.87 -4.42
C ASP C 70 1.24 -14.50 -3.73
N GLN C 71 1.48 -15.29 -2.67
CA GLN C 71 0.35 -15.83 -1.90
C GLN C 71 -0.50 -14.71 -1.32
N VAL C 72 0.15 -13.68 -0.77
CA VAL C 72 -0.60 -12.57 -0.17
C VAL C 72 -1.34 -11.79 -1.26
N HIS C 73 -0.72 -11.61 -2.42
CA HIS C 73 -1.38 -10.91 -3.52
C HIS C 73 -2.66 -11.63 -3.93
N LEU C 74 -2.61 -12.96 -4.03
CA LEU C 74 -3.80 -13.71 -4.41
C LEU C 74 -4.89 -13.58 -3.35
N LEU C 75 -4.51 -13.63 -2.08
CA LEU C 75 -5.49 -13.45 -1.02
C LEU C 75 -6.05 -12.04 -0.99
N GLU C 76 -5.21 -11.03 -1.20
CA GLU C 76 -5.74 -9.67 -1.20
C GLU C 76 -6.81 -9.50 -2.27
N CYS C 77 -6.56 -10.04 -3.47
CA CYS C 77 -7.51 -9.89 -4.56
C CYS C 77 -8.78 -10.72 -4.36
N ALA C 78 -8.69 -11.84 -3.65
CA ALA C 78 -9.78 -12.81 -3.67
C ALA C 78 -10.60 -12.91 -2.39
N TRP C 79 -10.17 -12.33 -1.26
CA TRP C 79 -10.73 -12.73 0.03
C TRP C 79 -12.24 -12.50 0.09
N LEU C 80 -12.73 -11.39 -0.47
CA LEU C 80 -14.17 -11.10 -0.38
C LEU C 80 -14.97 -12.01 -1.31
N GLU C 81 -14.47 -12.24 -2.52
CA GLU C 81 -15.10 -13.24 -3.39
C GLU C 81 -15.18 -14.61 -2.71
N ILE C 82 -14.12 -15.01 -2.00
CA ILE C 82 -14.17 -16.30 -1.32
C ILE C 82 -15.20 -16.29 -0.21
N LEU C 83 -15.26 -15.21 0.56
CA LEU C 83 -16.29 -15.13 1.59
C LEU C 83 -17.67 -15.16 0.97
N MET C 84 -17.86 -14.46 -0.16
CA MET C 84 -19.19 -14.38 -0.76
C MET C 84 -19.61 -15.71 -1.34
N ILE C 85 -18.69 -16.46 -1.95
CA ILE C 85 -19.11 -17.74 -2.53
C ILE C 85 -19.43 -18.74 -1.44
N GLY C 86 -18.71 -18.68 -0.31
CA GLY C 86 -19.10 -19.49 0.84
C GLY C 86 -20.48 -19.11 1.34
N LEU C 87 -20.77 -17.81 1.39
CA LEU C 87 -22.10 -17.38 1.83
C LEU C 87 -23.17 -17.89 0.88
N VAL C 88 -22.92 -17.79 -0.42
CA VAL C 88 -23.92 -18.23 -1.39
C VAL C 88 -24.17 -19.73 -1.26
N TRP C 89 -23.09 -20.50 -1.12
CA TRP C 89 -23.22 -21.95 -0.94
C TRP C 89 -24.03 -22.27 0.32
N ARG C 90 -23.70 -21.62 1.44
CA ARG C 90 -24.44 -21.85 2.68
C ARG C 90 -25.92 -21.56 2.51
N SER C 91 -26.26 -20.60 1.67
CA SER C 91 -27.60 -20.07 1.58
C SER C 91 -28.49 -20.83 0.59
N MET C 92 -27.93 -21.80 -0.13
CA MET C 92 -28.69 -22.44 -1.20
C MET C 92 -30.04 -22.97 -0.74
N GLU C 93 -30.12 -23.61 0.42
CA GLU C 93 -31.38 -24.19 0.84
C GLU C 93 -32.24 -23.24 1.68
N HIS C 94 -32.04 -21.95 1.54
CA HIS C 94 -32.86 -20.94 2.21
C HIS C 94 -33.24 -19.90 1.18
N PRO C 95 -34.17 -20.24 0.30
CA PRO C 95 -34.59 -19.28 -0.74
C PRO C 95 -35.05 -17.97 -0.11
N GLY C 96 -34.54 -16.86 -0.65
CA GLY C 96 -34.85 -15.55 -0.15
C GLY C 96 -34.07 -15.12 1.09
N LYS C 97 -33.13 -15.94 1.56
CA LYS C 97 -32.38 -15.60 2.76
C LYS C 97 -30.90 -15.89 2.55
N LEU C 98 -30.07 -15.11 3.25
CA LEU C 98 -28.62 -15.30 3.32
C LEU C 98 -28.25 -15.85 4.69
N LEU C 99 -27.66 -17.04 4.71
CA LEU C 99 -27.24 -17.70 5.94
C LEU C 99 -25.79 -17.30 6.22
N PHE C 100 -25.62 -16.10 6.78
CA PHE C 100 -24.29 -15.65 7.15
C PHE C 100 -23.64 -16.60 8.16
N ALA C 101 -24.43 -17.09 9.11
CA ALA C 101 -24.01 -18.10 10.08
C ALA C 101 -25.24 -18.89 10.48
N PRO C 102 -25.07 -20.04 11.14
CA PRO C 102 -26.27 -20.82 11.53
C PRO C 102 -27.21 -20.03 12.41
N ASN C 103 -26.70 -19.05 13.14
CA ASN C 103 -27.50 -18.22 14.02
C ASN C 103 -27.66 -16.80 13.47
N LEU C 104 -27.43 -16.62 12.17
CA LEU C 104 -27.58 -15.30 11.53
C LEU C 104 -28.09 -15.54 10.11
N LEU C 105 -29.41 -15.65 9.99
CA LEU C 105 -30.11 -15.85 8.72
C LEU C 105 -30.90 -14.59 8.47
N LEU C 106 -30.57 -13.88 7.39
CA LEU C 106 -31.10 -12.55 7.14
C LEU C 106 -31.92 -12.54 5.85
N ASP C 107 -33.08 -11.89 5.90
CA ASP C 107 -33.92 -11.75 4.73
C ASP C 107 -33.65 -10.42 4.03
N ARG C 108 -34.35 -10.19 2.92
CA ARG C 108 -34.08 -9.01 2.10
C ARG C 108 -34.28 -7.72 2.88
N ASN C 109 -35.30 -7.64 3.72
CA ASN C 109 -35.59 -6.39 4.39
C ASN C 109 -34.48 -6.02 5.36
N GLN C 110 -33.82 -7.01 5.97
CA GLN C 110 -32.70 -6.71 6.84
C GLN C 110 -31.52 -6.20 6.03
N GLY C 111 -31.46 -6.51 4.74
CA GLY C 111 -30.46 -5.92 3.88
C GLY C 111 -30.48 -4.40 3.96
N LYS C 112 -31.67 -3.80 3.99
CA LYS C 112 -31.77 -2.36 3.96
C LYS C 112 -31.19 -1.69 5.21
N CYS C 113 -30.78 -2.46 6.21
CA CYS C 113 -30.35 -1.86 7.46
C CYS C 113 -29.08 -1.04 7.30
N VAL C 114 -28.28 -1.31 6.28
CA VAL C 114 -27.03 -0.60 6.06
C VAL C 114 -27.09 0.03 4.66
N GLU C 115 -26.82 1.33 4.59
CA GLU C 115 -26.99 2.05 3.34
C GLU C 115 -26.24 1.36 2.21
N GLY C 116 -26.98 1.02 1.15
CA GLY C 116 -26.42 0.46 -0.05
C GLY C 116 -26.25 -1.06 -0.05
N MET C 117 -26.45 -1.72 1.08
CA MET C 117 -25.96 -3.10 1.14
C MET C 117 -26.97 -4.03 0.48
N VAL C 118 -28.23 -3.62 0.47
CA VAL C 118 -29.31 -4.32 -0.20
C VAL C 118 -29.16 -4.53 -1.69
N GLU C 119 -28.44 -3.65 -2.39
CA GLU C 119 -28.11 -4.00 -3.78
C GLU C 119 -27.25 -5.25 -3.80
N ILE C 120 -26.25 -5.34 -2.91
CA ILE C 120 -25.39 -6.51 -2.88
C ILE C 120 -26.18 -7.74 -2.47
N PHE C 121 -27.11 -7.60 -1.52
CA PHE C 121 -27.89 -8.75 -1.07
C PHE C 121 -28.69 -9.36 -2.22
N ASP C 122 -29.42 -8.54 -2.97
CA ASP C 122 -30.17 -9.03 -4.12
C ASP C 122 -29.28 -9.83 -5.07
N MET C 123 -28.07 -9.33 -5.35
CA MET C 123 -27.16 -10.09 -6.21
C MET C 123 -26.74 -11.40 -5.57
N LEU C 124 -26.45 -11.38 -4.26
CA LEU C 124 -26.06 -12.60 -3.59
C LEU C 124 -27.19 -13.62 -3.62
N LEU C 125 -28.44 -13.17 -3.42
CA LEU C 125 -29.57 -14.10 -3.46
C LEU C 125 -29.75 -14.68 -4.85
N ALA C 126 -29.62 -13.86 -5.89
CA ALA C 126 -29.73 -14.37 -7.25
C ALA C 126 -28.67 -15.41 -7.55
N THR C 127 -27.45 -15.23 -7.02
CA THR C 127 -26.41 -16.22 -7.23
C THR C 127 -26.75 -17.53 -6.55
N SER C 128 -27.33 -17.47 -5.36
CA SER C 128 -27.71 -18.70 -4.66
C SER C 128 -28.82 -19.41 -5.42
N SER C 129 -29.78 -18.65 -5.98
CA SER C 129 -30.80 -19.28 -6.81
C SER C 129 -30.21 -19.93 -8.05
N ARG C 130 -29.22 -19.29 -8.67
CA ARG C 130 -28.57 -19.88 -9.84
C ARG C 130 -27.88 -21.19 -9.48
N PHE C 131 -27.16 -21.23 -8.35
CA PHE C 131 -26.54 -22.47 -7.92
C PHE C 131 -27.58 -23.55 -7.64
N ARG C 132 -28.70 -23.17 -7.01
CA ARG C 132 -29.79 -24.13 -6.79
C ARG C 132 -30.34 -24.63 -8.12
N MET C 133 -30.66 -23.70 -9.03
CA MET C 133 -31.08 -24.03 -10.39
C MET C 133 -30.10 -24.95 -11.12
N MET C 134 -28.81 -24.81 -10.86
CA MET C 134 -27.85 -25.71 -11.51
C MET C 134 -27.59 -26.99 -10.72
N ASN C 135 -28.14 -27.10 -9.51
CA ASN C 135 -27.86 -28.23 -8.63
C ASN C 135 -26.36 -28.36 -8.41
N LEU C 136 -25.74 -27.26 -8.01
CA LEU C 136 -24.31 -27.28 -7.77
C LEU C 136 -23.96 -28.28 -6.68
N GLN C 137 -22.96 -29.11 -6.95
CA GLN C 137 -22.50 -30.13 -6.01
C GLN C 137 -21.33 -29.62 -5.16
N GLY C 138 -21.17 -30.22 -3.98
CA GLY C 138 -20.09 -29.80 -3.09
C GLY C 138 -18.71 -29.94 -3.72
N GLU C 139 -18.47 -31.06 -4.41
CA GLU C 139 -17.21 -31.24 -5.10
C GLU C 139 -16.98 -30.15 -6.16
N GLU C 140 -18.05 -29.71 -6.82
CA GLU C 140 -17.90 -28.62 -7.79
C GLU C 140 -17.63 -27.30 -7.06
N PHE C 141 -18.34 -27.05 -5.96
CA PHE C 141 -18.14 -25.81 -5.22
C PHE C 141 -16.69 -25.63 -4.79
N VAL C 142 -16.06 -26.68 -4.25
CA VAL C 142 -14.70 -26.51 -3.73
C VAL C 142 -13.69 -26.28 -4.87
N CYS C 143 -13.93 -26.86 -6.06
CA CYS C 143 -13.11 -26.46 -7.20
C CYS C 143 -13.31 -25.00 -7.57
N LEU C 144 -14.55 -24.52 -7.56
CA LEU C 144 -14.78 -23.13 -7.94
C LEU C 144 -14.10 -22.17 -6.98
N LYS C 145 -14.17 -22.46 -5.68
CA LYS C 145 -13.56 -21.58 -4.68
C LYS C 145 -12.05 -21.53 -4.86
N SER C 146 -11.46 -22.67 -5.17
CA SER C 146 -10.02 -22.72 -5.45
C SER C 146 -9.67 -21.97 -6.73
N ILE C 147 -10.53 -22.03 -7.76
CA ILE C 147 -10.27 -21.25 -8.97
C ILE C 147 -10.26 -19.77 -8.65
N ILE C 148 -11.20 -19.31 -7.83
CA ILE C 148 -11.25 -17.89 -7.45
C ILE C 148 -9.92 -17.47 -6.82
N LEU C 149 -9.41 -18.29 -5.90
CA LEU C 149 -8.18 -17.98 -5.18
C LEU C 149 -7.00 -17.84 -6.14
N LEU C 150 -6.89 -18.73 -7.10
CA LEU C 150 -5.73 -18.72 -7.98
C LEU C 150 -5.90 -17.78 -9.16
N ASN C 151 -7.13 -17.54 -9.58
CA ASN C 151 -7.34 -16.74 -10.79
C ASN C 151 -7.43 -15.24 -10.53
N SER C 152 -8.03 -14.83 -9.40
CA SER C 152 -8.48 -13.45 -9.28
C SER C 152 -7.31 -12.48 -9.30
N GLY C 153 -6.15 -12.90 -8.79
CA GLY C 153 -5.02 -12.00 -8.72
C GLY C 153 -3.92 -12.34 -9.69
N VAL C 154 -4.11 -13.39 -10.50
CA VAL C 154 -3.01 -13.82 -11.35
C VAL C 154 -2.68 -12.79 -12.42
N TYR C 155 -3.68 -12.09 -12.93
CA TYR C 155 -3.44 -11.16 -14.04
C TYR C 155 -2.87 -9.83 -13.59
N THR C 156 -2.64 -9.63 -12.28
CA THR C 156 -2.17 -8.35 -11.77
C THR C 156 -0.86 -8.49 -11.00
N PHE C 157 -0.07 -9.52 -11.31
CA PHE C 157 1.29 -9.62 -10.75
C PHE C 157 2.16 -8.52 -11.35
N THR C 161 11.75 -10.38 -15.84
CA THR C 161 11.39 -10.98 -14.55
C THR C 161 10.89 -12.41 -14.75
N LEU C 162 11.86 -13.31 -14.94
CA LEU C 162 11.56 -14.72 -15.24
C LEU C 162 10.85 -15.39 -14.07
N LYS C 163 11.25 -15.06 -12.84
CA LYS C 163 10.59 -15.64 -11.68
C LYS C 163 9.07 -15.49 -11.78
N SER C 164 8.62 -14.30 -12.15
CA SER C 164 7.19 -14.02 -12.18
C SER C 164 6.47 -14.86 -13.22
N LEU C 165 7.09 -15.08 -14.37
CA LEU C 165 6.40 -15.82 -15.42
C LEU C 165 6.29 -17.29 -15.08
N GLU C 166 7.27 -17.84 -14.37
CA GLU C 166 7.16 -19.20 -13.88
C GLU C 166 6.11 -19.30 -12.79
N GLU C 167 5.88 -18.24 -12.02
CA GLU C 167 4.77 -18.25 -11.07
C GLU C 167 3.43 -18.30 -11.81
N LYS C 168 3.23 -17.41 -12.78
CA LYS C 168 2.02 -17.48 -13.59
C LYS C 168 1.87 -18.82 -14.28
N ASP C 169 2.92 -19.25 -14.97
CA ASP C 169 2.82 -20.52 -15.68
C ASP C 169 2.39 -21.62 -14.71
N HIS C 170 2.93 -21.60 -13.49
CA HIS C 170 2.54 -22.60 -12.50
C HIS C 170 1.06 -22.44 -12.11
N ILE C 171 0.63 -21.20 -11.88
CA ILE C 171 -0.76 -20.99 -11.51
C ILE C 171 -1.68 -21.48 -12.62
N HIS C 172 -1.35 -21.20 -13.88
CA HIS C 172 -2.22 -21.61 -14.97
C HIS C 172 -2.25 -23.12 -15.12
N ARG C 173 -1.13 -23.79 -14.82
CA ARG C 173 -1.11 -25.25 -14.87
C ARG C 173 -1.99 -25.85 -13.78
N VAL C 174 -1.94 -25.29 -12.57
CA VAL C 174 -2.83 -25.76 -11.51
C VAL C 174 -4.29 -25.53 -11.88
N LEU C 175 -4.58 -24.38 -12.50
CA LEU C 175 -5.94 -24.09 -12.90
C LEU C 175 -6.43 -25.07 -13.97
N ASP C 176 -5.56 -25.41 -14.93
CA ASP C 176 -5.88 -26.47 -15.88
C ASP C 176 -6.22 -27.78 -15.16
N LYS C 177 -5.43 -28.14 -14.15
CA LYS C 177 -5.71 -29.36 -13.40
C LYS C 177 -7.08 -29.30 -12.72
N ILE C 178 -7.46 -28.15 -12.19
CA ILE C 178 -8.78 -28.06 -11.56
C ILE C 178 -9.88 -28.14 -12.62
N THR C 179 -9.64 -27.56 -13.79
CA THR C 179 -10.57 -27.74 -14.89
C THR C 179 -10.74 -29.22 -15.23
N ASP C 180 -9.62 -29.94 -15.38
CA ASP C 180 -9.70 -31.38 -15.61
C ASP C 180 -10.54 -32.05 -14.55
N THR C 181 -10.41 -31.58 -13.30
CA THR C 181 -11.12 -32.21 -12.18
C THR C 181 -12.62 -31.96 -12.28
N LEU C 182 -13.01 -30.71 -12.53
CA LEU C 182 -14.42 -30.42 -12.76
C LEU C 182 -14.98 -31.29 -13.87
N ILE C 183 -14.28 -31.37 -14.99
CA ILE C 183 -14.77 -32.22 -16.08
C ILE C 183 -14.88 -33.67 -15.62
N HIS C 184 -13.87 -34.15 -14.87
CA HIS C 184 -13.91 -35.54 -14.42
C HIS C 184 -15.11 -35.79 -13.52
N LEU C 185 -15.41 -34.85 -12.64
CA LEU C 185 -16.59 -35.00 -11.78
C LEU C 185 -17.86 -35.08 -12.61
N MET C 186 -17.99 -34.24 -13.64
CA MET C 186 -19.22 -34.28 -14.42
C MET C 186 -19.30 -35.54 -15.28
N ALA C 187 -18.20 -35.94 -15.92
CA ALA C 187 -18.22 -37.18 -16.69
C ALA C 187 -18.58 -38.34 -15.79
N LYS C 188 -18.07 -38.33 -14.55
CA LYS C 188 -18.25 -39.50 -13.72
C LYS C 188 -19.70 -39.51 -13.25
N ALA C 189 -20.33 -38.31 -13.12
CA ALA C 189 -21.78 -38.20 -12.83
C ALA C 189 -22.65 -38.78 -13.95
N GLY C 190 -22.14 -38.87 -15.17
CA GLY C 190 -22.88 -39.42 -16.29
C GLY C 190 -23.26 -38.41 -17.35
N LEU C 191 -22.87 -37.14 -17.18
CA LEU C 191 -23.20 -36.13 -18.17
C LEU C 191 -22.46 -36.41 -19.48
N THR C 192 -23.10 -36.08 -20.59
CA THR C 192 -22.44 -36.17 -21.89
C THR C 192 -21.37 -35.10 -22.01
N LEU C 193 -20.40 -35.34 -22.90
CA LEU C 193 -19.54 -34.27 -23.36
C LEU C 193 -20.17 -32.93 -23.64
N GLN C 194 -21.18 -32.87 -24.50
CA GLN C 194 -21.82 -31.59 -24.73
C GLN C 194 -22.26 -30.99 -23.40
N GLN C 195 -22.93 -31.78 -22.57
CA GLN C 195 -23.39 -31.28 -21.26
C GLN C 195 -22.21 -30.88 -20.39
N GLN C 196 -21.12 -31.64 -20.47
CA GLN C 196 -19.96 -31.33 -19.64
C GLN C 196 -19.39 -29.96 -19.95
N HIS C 197 -19.11 -29.70 -21.23
N HIS C 197 -19.11 -29.67 -21.22
CA HIS C 197 -18.57 -28.41 -21.65
CA HIS C 197 -18.53 -28.35 -21.48
C HIS C 197 -19.55 -27.29 -21.32
C HIS C 197 -19.54 -27.23 -21.39
N GLN C 198 -20.84 -27.50 -21.58
CA GLN C 198 -21.83 -26.47 -21.29
C GLN C 198 -21.86 -26.13 -19.80
N ARG C 199 -21.77 -27.14 -18.92
CA ARG C 199 -21.87 -26.90 -17.48
C ARG C 199 -20.61 -26.23 -16.96
N LEU C 200 -19.45 -26.65 -17.47
CA LEU C 200 -18.20 -25.97 -17.13
C LEU C 200 -18.32 -24.49 -17.45
N ALA C 201 -18.75 -24.16 -18.67
CA ALA C 201 -18.91 -22.76 -19.06
C ALA C 201 -19.84 -22.02 -18.11
N GLN C 202 -20.99 -22.63 -17.80
CA GLN C 202 -21.98 -21.98 -16.95
C GLN C 202 -21.41 -21.69 -15.57
N LEU C 203 -20.63 -22.62 -15.02
CA LEU C 203 -20.04 -22.41 -13.71
C LEU C 203 -18.99 -21.30 -13.73
N LEU C 204 -18.15 -21.29 -14.76
CA LEU C 204 -17.11 -20.27 -14.82
C LEU C 204 -17.66 -18.89 -15.14
N LEU C 205 -18.78 -18.81 -15.89
CA LEU C 205 -19.35 -17.50 -16.12
C LEU C 205 -19.93 -16.90 -14.84
N ILE C 206 -20.42 -17.72 -13.92
CA ILE C 206 -20.92 -17.19 -12.65
C ILE C 206 -19.81 -16.53 -11.86
N LEU C 207 -18.57 -16.99 -12.02
CA LEU C 207 -17.46 -16.37 -11.32
C LEU C 207 -17.32 -14.90 -11.69
N SER C 208 -17.71 -14.53 -12.93
CA SER C 208 -17.70 -13.12 -13.31
C SER C 208 -18.66 -12.33 -12.47
N HIS C 209 -19.85 -12.88 -12.21
CA HIS C 209 -20.82 -12.19 -11.36
C HIS C 209 -20.30 -12.09 -9.93
N ILE C 210 -19.61 -13.12 -9.45
CA ILE C 210 -19.03 -13.04 -8.12
C ILE C 210 -17.92 -11.99 -8.09
N ARG C 211 -17.13 -11.87 -9.17
CA ARG C 211 -16.14 -10.79 -9.18
C ARG C 211 -16.88 -9.45 -9.06
N HIS C 212 -17.99 -9.30 -9.79
CA HIS C 212 -18.75 -8.05 -9.81
C HIS C 212 -19.26 -7.69 -8.41
N MET C 213 -19.97 -8.61 -7.77
CA MET C 213 -20.48 -8.37 -6.41
C MET C 213 -19.36 -7.94 -5.47
N SER C 214 -18.21 -8.62 -5.52
CA SER C 214 -17.09 -8.24 -4.66
C SER C 214 -16.63 -6.82 -4.94
N ASN C 215 -16.53 -6.44 -6.21
CA ASN C 215 -16.17 -5.07 -6.55
C ASN C 215 -17.22 -4.09 -6.03
N LYS C 216 -18.50 -4.45 -6.14
CA LYS C 216 -19.54 -3.54 -5.67
C LYS C 216 -19.44 -3.34 -4.17
N GLY C 217 -19.22 -4.44 -3.44
CA GLY C 217 -19.00 -4.34 -2.01
C GLY C 217 -17.93 -3.33 -1.66
N MET C 218 -16.74 -3.48 -2.27
CA MET C 218 -15.66 -2.53 -2.02
C MET C 218 -16.07 -1.11 -2.35
N GLU C 219 -16.64 -0.89 -3.53
CA GLU C 219 -17.01 0.45 -3.95
C GLU C 219 -17.93 1.11 -2.93
N HIS C 220 -18.97 0.40 -2.49
CA HIS C 220 -19.91 0.99 -1.55
C HIS C 220 -19.23 1.33 -0.24
N LEU C 221 -18.42 0.41 0.28
CA LEU C 221 -17.44 0.74 1.30
C LEU C 221 -16.58 1.92 0.86
N ASN C 228 -11.57 1.12 8.78
CA ASN C 228 -10.88 0.31 7.77
C ASN C 228 -10.96 -1.18 8.08
N VAL C 229 -11.77 -1.89 7.31
CA VAL C 229 -11.97 -3.30 7.55
C VAL C 229 -11.21 -4.21 6.59
N VAL C 230 -10.87 -3.72 5.40
CA VAL C 230 -10.15 -4.58 4.44
C VAL C 230 -8.86 -5.08 5.07
N PRO C 231 -8.57 -6.38 5.03
CA PRO C 231 -7.31 -6.87 5.64
C PRO C 231 -6.11 -6.32 4.88
N SER C 232 -5.15 -5.77 5.63
CA SER C 232 -3.99 -5.19 5.01
C SER C 232 -3.07 -6.28 4.47
N TYR C 233 -2.16 -5.88 3.58
CA TYR C 233 -1.12 -6.79 3.11
C TYR C 233 -0.33 -7.36 4.28
N ASP C 234 0.06 -6.48 5.22
CA ASP C 234 0.88 -6.91 6.35
C ASP C 234 0.16 -7.96 7.18
N LEU C 235 -1.14 -7.75 7.42
CA LEU C 235 -1.91 -8.70 8.22
C LEU C 235 -2.00 -10.05 7.52
N LEU C 236 -2.29 -10.06 6.21
CA LEU C 236 -2.38 -11.32 5.49
C LEU C 236 -1.06 -12.05 5.49
N LEU C 237 0.06 -11.32 5.42
CA LEU C 237 1.34 -12.00 5.34
C LEU C 237 1.74 -12.65 6.66
N GLU C 238 1.36 -12.06 7.79
CA GLU C 238 1.69 -12.64 9.08
C GLU C 238 0.67 -13.67 9.55
N MET C 239 -0.53 -13.72 8.95
CA MET C 239 -1.35 -14.92 9.11
C MET C 239 -0.78 -16.06 8.28
N LEU C 240 -0.21 -15.74 7.11
CA LEU C 240 0.41 -16.78 6.29
C LEU C 240 1.66 -17.34 6.96
N ASP C 241 2.44 -16.48 7.62
CA ASP C 241 3.70 -16.95 8.18
C ASP C 241 3.48 -17.83 9.41
N ALA C 242 2.37 -17.66 10.11
CA ALA C 242 2.06 -18.47 11.28
C ALA C 242 1.34 -19.75 10.85
N SER D 1 -37.05 -19.91 -32.28
CA SER D 1 -36.14 -18.84 -32.67
C SER D 1 -34.98 -19.40 -33.51
N LEU D 2 -34.59 -18.64 -34.54
CA LEU D 2 -33.58 -19.14 -35.47
C LEU D 2 -32.20 -19.20 -34.84
N ALA D 3 -31.93 -18.35 -33.84
CA ALA D 3 -30.62 -18.36 -33.20
C ALA D 3 -30.26 -19.74 -32.66
N LEU D 4 -31.25 -20.47 -32.14
CA LEU D 4 -31.02 -21.75 -31.51
C LEU D 4 -30.87 -22.88 -32.52
N SER D 5 -31.24 -22.67 -33.78
CA SER D 5 -31.02 -23.65 -34.83
C SER D 5 -29.70 -23.43 -35.57
N LEU D 6 -28.88 -22.48 -35.13
CA LEU D 6 -27.68 -22.17 -35.89
C LEU D 6 -26.62 -23.22 -35.65
N THR D 7 -25.91 -23.58 -36.71
CA THR D 7 -24.71 -24.38 -36.51
C THR D 7 -23.60 -23.50 -35.94
N ALA D 8 -22.53 -24.14 -35.48
CA ALA D 8 -21.36 -23.41 -35.01
C ALA D 8 -20.77 -22.53 -36.11
N ASP D 9 -20.64 -23.07 -37.31
CA ASP D 9 -20.11 -22.30 -38.43
C ASP D 9 -21.00 -21.10 -38.74
N GLN D 10 -22.32 -21.25 -38.59
CA GLN D 10 -23.20 -20.12 -38.88
C GLN D 10 -23.08 -19.05 -37.80
N MET D 11 -22.92 -19.46 -36.54
CA MET D 11 -22.71 -18.53 -35.44
C MET D 11 -21.45 -17.71 -35.65
N VAL D 12 -20.34 -18.38 -35.98
CA VAL D 12 -19.09 -17.67 -36.26
C VAL D 12 -19.30 -16.67 -37.39
N SER D 13 -19.90 -17.13 -38.49
CA SER D 13 -20.08 -16.26 -39.64
C SER D 13 -20.95 -15.06 -39.29
N ALA D 14 -22.05 -15.27 -38.57
CA ALA D 14 -22.90 -14.15 -38.14
C ALA D 14 -22.09 -13.14 -37.33
N LEU D 15 -21.35 -13.62 -36.33
CA LEU D 15 -20.61 -12.73 -35.46
C LEU D 15 -19.48 -12.02 -36.21
N LEU D 16 -18.76 -12.76 -37.06
CA LEU D 16 -17.72 -12.13 -37.87
C LEU D 16 -18.31 -11.07 -38.78
N ASP D 17 -19.44 -11.35 -39.42
CA ASP D 17 -20.09 -10.39 -40.31
C ASP D 17 -20.61 -9.16 -39.58
N ALA D 18 -20.88 -9.27 -38.29
CA ALA D 18 -21.38 -8.15 -37.50
C ALA D 18 -20.28 -7.28 -36.90
N GLU D 19 -19.03 -7.64 -37.10
CA GLU D 19 -17.93 -6.95 -36.42
C GLU D 19 -17.90 -5.47 -36.82
N PRO D 20 -17.83 -4.55 -35.87
CA PRO D 20 -17.70 -3.14 -36.23
C PRO D 20 -16.35 -2.83 -36.84
N PRO D 21 -16.25 -1.76 -37.61
CA PRO D 21 -14.94 -1.33 -38.10
C PRO D 21 -14.09 -0.79 -36.96
N ILE D 22 -12.78 -0.74 -37.21
CA ILE D 22 -11.86 -0.09 -36.29
C ILE D 22 -11.89 1.40 -36.60
N LEU D 23 -12.27 2.21 -35.61
CA LEU D 23 -12.42 3.64 -35.81
C LEU D 23 -11.11 4.38 -35.50
N TYR D 24 -10.98 5.58 -36.05
CA TYR D 24 -9.83 6.43 -35.83
C TYR D 24 -10.17 7.51 -34.82
N SER D 25 -9.17 7.97 -34.08
CA SER D 25 -9.33 9.12 -33.22
C SER D 25 -9.29 10.38 -34.08
N GLU D 26 -10.14 11.34 -33.75
CA GLU D 26 -10.22 12.58 -34.50
C GLU D 26 -8.99 13.44 -34.21
N TYR D 27 -7.81 12.90 -34.52
CA TYR D 27 -6.52 13.59 -34.42
C TYR D 27 -5.91 13.41 -33.03
N SER D 37 -6.44 17.00 -25.43
CA SER D 37 -6.76 16.38 -24.14
C SER D 37 -6.87 14.87 -24.29
N MET D 38 -6.50 14.14 -23.23
CA MET D 38 -6.55 12.69 -23.28
C MET D 38 -7.99 12.19 -23.24
N MET D 39 -8.79 12.70 -22.29
CA MET D 39 -10.18 12.29 -22.23
C MET D 39 -10.97 12.76 -23.44
N GLY D 40 -10.73 13.99 -23.89
CA GLY D 40 -11.38 14.45 -25.10
C GLY D 40 -11.30 13.40 -26.18
N LEU D 41 -10.07 12.98 -26.49
CA LEU D 41 -9.86 12.03 -27.58
C LEU D 41 -10.52 10.69 -27.30
N LEU D 42 -10.38 10.18 -26.07
CA LEU D 42 -10.94 8.88 -25.75
C LEU D 42 -12.47 8.93 -25.66
N THR D 43 -13.01 9.98 -25.06
CA THR D 43 -14.47 10.14 -25.01
C THR D 43 -15.05 10.23 -26.41
N ASN D 44 -14.47 11.07 -27.26
CA ASN D 44 -14.96 11.18 -28.64
C ASN D 44 -14.97 9.81 -29.32
N LEU D 45 -13.90 9.02 -29.13
CA LEU D 45 -13.79 7.71 -29.77
C LEU D 45 -14.86 6.76 -29.23
N ALA D 46 -14.95 6.66 -27.91
CA ALA D 46 -15.93 5.76 -27.30
C ALA D 46 -17.34 6.11 -27.71
N ASP D 47 -17.65 7.41 -27.84
CA ASP D 47 -18.99 7.80 -28.25
C ASP D 47 -19.31 7.29 -29.64
N ARG D 48 -18.34 7.34 -30.55
CA ARG D 48 -18.59 6.85 -31.90
C ARG D 48 -18.62 5.33 -31.92
N GLU D 49 -17.77 4.68 -31.12
CA GLU D 49 -17.82 3.23 -31.01
C GLU D 49 -19.16 2.76 -30.49
N LEU D 50 -19.78 3.52 -29.58
CA LEU D 50 -21.03 3.08 -28.97
C LEU D 50 -22.14 2.94 -30.01
N VAL D 51 -22.19 3.84 -30.99
CA VAL D 51 -23.22 3.76 -32.01
C VAL D 51 -23.07 2.45 -32.81
N HIS D 52 -21.83 2.08 -33.11
CA HIS D 52 -21.54 0.80 -33.76
C HIS D 52 -21.86 -0.38 -32.84
N MET D 53 -21.56 -0.27 -31.55
CA MET D 53 -21.86 -1.36 -30.61
C MET D 53 -23.35 -1.70 -30.61
N ILE D 54 -24.20 -0.66 -30.62
CA ILE D 54 -25.63 -0.86 -30.56
C ILE D 54 -26.10 -1.68 -31.74
N ASN D 55 -25.65 -1.30 -32.93
CA ASN D 55 -26.04 -2.01 -34.14
C ASN D 55 -25.36 -3.36 -34.22
N TRP D 56 -24.18 -3.51 -33.61
CA TRP D 56 -23.58 -4.84 -33.53
C TRP D 56 -24.38 -5.76 -32.60
N ALA D 57 -24.84 -5.22 -31.46
CA ALA D 57 -25.59 -6.05 -30.52
C ALA D 57 -26.85 -6.59 -31.16
N LYS D 58 -27.52 -5.77 -31.98
CA LYS D 58 -28.75 -6.19 -32.66
C LYS D 58 -28.51 -7.38 -33.56
N ARG D 59 -27.27 -7.63 -33.95
CA ARG D 59 -26.89 -8.71 -34.86
C ARG D 59 -26.34 -9.93 -34.14
N VAL D 60 -26.19 -9.89 -32.83
CA VAL D 60 -25.77 -11.06 -32.05
C VAL D 60 -26.95 -12.01 -31.99
N PRO D 61 -26.82 -13.25 -32.47
CA PRO D 61 -27.98 -14.15 -32.51
C PRO D 61 -28.67 -14.23 -31.16
N GLY D 62 -30.00 -14.15 -31.19
CA GLY D 62 -30.82 -14.21 -30.01
C GLY D 62 -31.04 -12.89 -29.30
N PHE D 63 -30.22 -11.87 -29.58
CA PHE D 63 -30.32 -10.63 -28.83
C PHE D 63 -31.65 -9.93 -29.09
N VAL D 64 -32.06 -9.84 -30.36
CA VAL D 64 -33.29 -9.10 -30.64
C VAL D 64 -34.54 -9.88 -30.26
N ASP D 65 -34.39 -11.16 -29.89
CA ASP D 65 -35.53 -11.91 -29.37
C ASP D 65 -35.91 -11.43 -27.98
N LEU D 66 -35.03 -10.70 -27.31
CA LEU D 66 -35.32 -10.17 -25.98
C LEU D 66 -36.17 -8.91 -26.07
N THR D 67 -36.86 -8.61 -24.98
CA THR D 67 -37.57 -7.35 -24.88
C THR D 67 -36.58 -6.19 -24.95
N SER D 68 -37.09 -5.02 -25.36
CA SER D 68 -36.24 -3.84 -25.40
C SER D 68 -35.64 -3.54 -24.04
N HIS D 69 -36.45 -3.68 -22.98
CA HIS D 69 -35.95 -3.47 -21.63
C HIS D 69 -34.74 -4.36 -21.35
N ASP D 70 -34.87 -5.65 -21.65
CA ASP D 70 -33.77 -6.58 -21.36
C ASP D 70 -32.56 -6.28 -22.23
N GLN D 71 -32.79 -5.87 -23.48
CA GLN D 71 -31.66 -5.50 -24.33
C GLN D 71 -30.89 -4.33 -23.74
N VAL D 72 -31.60 -3.31 -23.29
CA VAL D 72 -30.95 -2.15 -22.69
C VAL D 72 -30.18 -2.55 -21.45
N HIS D 73 -30.79 -3.39 -20.63
CA HIS D 73 -30.12 -3.78 -19.39
C HIS D 73 -28.82 -4.52 -19.66
N LEU D 74 -28.80 -5.41 -20.64
CA LEU D 74 -27.56 -6.11 -20.97
C LEU D 74 -26.50 -5.14 -21.50
N LEU D 75 -26.90 -4.22 -22.37
CA LEU D 75 -25.94 -3.24 -22.87
C LEU D 75 -25.47 -2.29 -21.75
N GLU D 76 -26.37 -1.90 -20.86
CA GLU D 76 -25.97 -1.01 -19.78
C GLU D 76 -24.87 -1.65 -18.94
N CYS D 77 -24.99 -2.96 -18.67
CA CYS D 77 -23.99 -3.63 -17.84
C CYS D 77 -22.71 -3.96 -18.60
N ALA D 78 -22.76 -4.10 -19.93
CA ALA D 78 -21.63 -4.68 -20.66
C ALA D 78 -20.81 -3.71 -21.49
N TRP D 79 -21.24 -2.46 -21.65
CA TRP D 79 -20.68 -1.62 -22.72
C TRP D 79 -19.18 -1.35 -22.51
N LEU D 80 -18.75 -1.07 -21.27
CA LEU D 80 -17.34 -0.77 -21.05
C LEU D 80 -16.47 -2.03 -21.18
N GLU D 81 -16.96 -3.17 -20.69
CA GLU D 81 -16.24 -4.43 -20.92
C GLU D 81 -16.05 -4.68 -22.42
N ILE D 82 -17.08 -4.41 -23.21
CA ILE D 82 -17.01 -4.66 -24.65
C ILE D 82 -16.00 -3.74 -25.32
N LEU D 83 -16.04 -2.45 -24.98
CA LEU D 83 -14.99 -1.54 -25.42
C LEU D 83 -13.62 -2.06 -25.03
N MET D 84 -13.47 -2.53 -23.77
CA MET D 84 -12.13 -2.92 -23.34
C MET D 84 -11.68 -4.21 -24.02
N ILE D 85 -12.60 -5.16 -24.27
CA ILE D 85 -12.12 -6.38 -24.91
C ILE D 85 -11.71 -6.06 -26.35
N GLY D 86 -12.37 -5.10 -26.99
CA GLY D 86 -11.98 -4.68 -28.33
C GLY D 86 -10.60 -4.02 -28.34
N LEU D 87 -10.33 -3.18 -27.34
CA LEU D 87 -9.02 -2.55 -27.21
C LEU D 87 -7.92 -3.58 -26.99
N VAL D 88 -8.19 -4.58 -26.14
CA VAL D 88 -7.16 -5.57 -25.85
C VAL D 88 -6.86 -6.40 -27.10
N TRP D 89 -7.90 -6.74 -27.86
CA TRP D 89 -7.73 -7.46 -29.12
C TRP D 89 -6.92 -6.66 -30.12
N ARG D 90 -7.28 -5.39 -30.32
CA ARG D 90 -6.53 -4.53 -31.21
C ARG D 90 -5.07 -4.40 -30.81
N SER D 91 -4.80 -4.46 -29.51
CA SER D 91 -3.48 -4.19 -28.98
C SER D 91 -2.62 -5.44 -28.90
N MET D 92 -3.21 -6.61 -29.14
CA MET D 92 -2.48 -7.86 -28.97
C MET D 92 -1.09 -7.82 -29.57
N GLU D 93 -0.96 -7.24 -30.75
CA GLU D 93 0.27 -7.41 -31.50
C GLU D 93 1.23 -6.23 -31.27
N HIS D 94 0.91 -5.34 -30.33
CA HIS D 94 1.73 -4.18 -29.97
C HIS D 94 2.12 -4.29 -28.50
N PRO D 95 3.03 -5.21 -28.17
CA PRO D 95 3.35 -5.46 -26.75
C PRO D 95 3.78 -4.18 -26.05
N GLY D 96 3.28 -3.99 -24.83
CA GLY D 96 3.60 -2.81 -24.06
C GLY D 96 2.83 -1.56 -24.45
N LYS D 97 1.93 -1.65 -25.42
CA LYS D 97 1.17 -0.49 -25.87
C LYS D 97 -0.30 -0.86 -26.01
N LEU D 98 -1.15 0.16 -25.92
CA LEU D 98 -2.58 0.02 -26.14
C LEU D 98 -2.96 0.78 -27.42
N LEU D 99 -3.49 0.05 -28.40
CA LEU D 99 -3.90 0.64 -29.67
C LEU D 99 -5.35 1.09 -29.58
N PHE D 100 -5.55 2.26 -28.96
CA PHE D 100 -6.90 2.81 -28.87
C PHE D 100 -7.48 3.04 -30.25
N ALA D 101 -6.67 3.54 -31.17
CA ALA D 101 -7.00 3.66 -32.58
C ALA D 101 -5.70 3.54 -33.36
N PRO D 102 -5.78 3.24 -34.67
CA PRO D 102 -4.54 3.18 -35.46
C PRO D 102 -3.65 4.39 -35.32
N ASN D 103 -4.24 5.57 -35.12
CA ASN D 103 -3.49 6.80 -34.94
C ASN D 103 -3.47 7.24 -33.48
N LEU D 104 -3.66 6.30 -32.55
CA LEU D 104 -3.67 6.62 -31.12
C LEU D 104 -3.20 5.36 -30.40
N LEU D 105 -1.90 5.11 -30.49
CA LEU D 105 -1.23 3.97 -29.88
C LEU D 105 -0.47 4.51 -28.68
N LEU D 106 -0.87 4.11 -27.48
CA LEU D 106 -0.36 4.71 -26.26
C LEU D 106 0.49 3.72 -25.50
N ASP D 107 1.66 4.17 -25.05
CA ASP D 107 2.44 3.40 -24.12
C ASP D 107 2.04 3.75 -22.71
N ARG D 108 2.58 2.97 -21.77
CA ARG D 108 2.19 3.19 -20.42
C ARG D 108 2.37 4.67 -20.03
N ASN D 109 3.31 5.42 -20.64
CA ASN D 109 3.86 6.41 -19.78
C ASN D 109 2.84 7.48 -19.75
N GLN D 110 2.22 7.59 -20.90
CA GLN D 110 1.03 8.36 -21.21
C GLN D 110 -0.17 7.90 -20.37
N GLY D 111 -0.14 6.68 -19.86
CA GLY D 111 -1.17 6.28 -18.92
C GLY D 111 -1.18 7.08 -17.64
N LYS D 112 -0.12 7.80 -17.35
CA LYS D 112 -0.13 8.57 -16.10
C LYS D 112 -0.73 9.96 -16.25
N CYS D 113 -1.05 10.36 -17.49
CA CYS D 113 -1.63 11.68 -17.75
C CYS D 113 -2.95 11.91 -17.02
N VAL D 114 -3.57 10.86 -16.49
CA VAL D 114 -4.80 10.99 -15.73
C VAL D 114 -4.68 10.14 -14.46
N GLU D 115 -5.22 10.65 -13.36
CA GLU D 115 -5.09 9.96 -12.08
C GLU D 115 -5.94 8.68 -12.09
N GLY D 116 -5.39 7.63 -11.49
CA GLY D 116 -6.02 6.32 -11.53
C GLY D 116 -5.97 5.63 -12.88
N MET D 117 -5.43 6.28 -13.90
CA MET D 117 -5.43 5.71 -15.25
C MET D 117 -4.42 4.59 -15.38
N VAL D 118 -3.24 4.73 -14.79
CA VAL D 118 -2.17 3.77 -15.09
C VAL D 118 -2.50 2.39 -14.54
N GLU D 119 -3.26 2.32 -13.44
CA GLU D 119 -3.69 1.03 -12.92
C GLU D 119 -4.47 0.25 -13.97
N ILE D 120 -5.44 0.91 -14.60
CA ILE D 120 -6.25 0.24 -15.62
C ILE D 120 -5.41 -0.06 -16.86
N PHE D 121 -4.55 0.88 -17.25
CA PHE D 121 -3.59 0.65 -18.34
C PHE D 121 -2.85 -0.66 -18.14
N ASP D 122 -2.28 -0.84 -16.95
CA ASP D 122 -1.49 -2.03 -16.68
C ASP D 122 -2.33 -3.29 -16.78
N MET D 123 -3.55 -3.27 -16.26
CA MET D 123 -4.43 -4.43 -16.38
C MET D 123 -4.78 -4.72 -17.83
N LEU D 124 -5.06 -3.68 -18.61
CA LEU D 124 -5.34 -3.90 -20.02
C LEU D 124 -4.14 -4.55 -20.71
N LEU D 125 -2.93 -4.08 -20.42
CA LEU D 125 -1.75 -4.65 -21.05
C LEU D 125 -1.58 -6.11 -20.67
N ALA D 126 -1.82 -6.45 -19.40
CA ALA D 126 -1.72 -7.84 -18.97
C ALA D 126 -2.73 -8.72 -19.69
N THR D 127 -3.91 -8.18 -20.02
CA THR D 127 -4.91 -8.98 -20.72
C THR D 127 -4.48 -9.24 -22.16
N SER D 128 -3.91 -8.23 -22.82
CA SER D 128 -3.44 -8.39 -24.18
C SER D 128 -2.28 -9.37 -24.24
N SER D 129 -1.42 -9.36 -23.22
CA SER D 129 -0.34 -10.34 -23.12
C SER D 129 -0.89 -11.75 -22.93
N ARG D 130 -1.96 -11.88 -22.15
CA ARG D 130 -2.57 -13.20 -21.98
C ARG D 130 -3.16 -13.69 -23.30
N PHE D 131 -3.87 -12.83 -24.04
CA PHE D 131 -4.40 -13.22 -25.34
C PHE D 131 -3.28 -13.65 -26.28
N ARG D 132 -2.18 -12.87 -26.29
CA ARG D 132 -1.04 -13.18 -27.12
C ARG D 132 -0.43 -14.52 -26.74
N MET D 133 -0.23 -14.77 -25.43
CA MET D 133 0.44 -16.02 -25.09
C MET D 133 -0.44 -17.21 -25.46
N MET D 134 -1.76 -17.03 -25.43
CA MET D 134 -2.72 -18.06 -25.80
C MET D 134 -2.98 -18.16 -27.30
N ASN D 135 -2.39 -17.29 -28.12
CA ASN D 135 -2.70 -17.23 -29.55
C ASN D 135 -4.22 -17.15 -29.80
N LEU D 136 -4.89 -16.26 -29.08
CA LEU D 136 -6.32 -16.07 -29.28
C LEU D 136 -6.63 -15.78 -30.74
N GLN D 137 -7.65 -16.44 -31.28
CA GLN D 137 -8.03 -16.29 -32.67
C GLN D 137 -9.25 -15.40 -32.82
N GLY D 138 -9.35 -14.76 -33.99
CA GLY D 138 -10.44 -13.82 -34.22
C GLY D 138 -11.82 -14.44 -34.03
N GLU D 139 -11.99 -15.68 -34.47
CA GLU D 139 -13.27 -16.36 -34.28
C GLU D 139 -13.56 -16.63 -32.81
N GLU D 140 -12.52 -16.86 -32.01
CA GLU D 140 -12.72 -16.97 -30.56
C GLU D 140 -13.04 -15.61 -29.95
N PHE D 141 -12.37 -14.56 -30.43
CA PHE D 141 -12.61 -13.22 -29.90
C PHE D 141 -14.08 -12.81 -30.04
N VAL D 142 -14.64 -12.95 -31.24
CA VAL D 142 -16.02 -12.50 -31.42
C VAL D 142 -16.97 -13.28 -30.55
N CYS D 143 -16.67 -14.56 -30.31
CA CYS D 143 -17.48 -15.39 -29.43
C CYS D 143 -17.42 -14.83 -28.00
N LEU D 144 -16.22 -14.50 -27.52
CA LEU D 144 -16.06 -13.97 -26.18
C LEU D 144 -16.80 -12.65 -26.00
N LYS D 145 -16.71 -11.78 -27.00
CA LYS D 145 -17.39 -10.50 -26.93
C LYS D 145 -18.90 -10.68 -26.85
N SER D 146 -19.43 -11.69 -27.56
CA SER D 146 -20.87 -11.96 -27.47
C SER D 146 -21.25 -12.52 -26.11
N ILE D 147 -20.40 -13.37 -25.52
CA ILE D 147 -20.66 -13.88 -24.18
C ILE D 147 -20.72 -12.72 -23.19
N ILE D 148 -19.81 -11.75 -23.31
CA ILE D 148 -19.84 -10.61 -22.41
C ILE D 148 -21.19 -9.91 -22.49
N LEU D 149 -21.69 -9.70 -23.72
CA LEU D 149 -22.96 -9.03 -23.91
C LEU D 149 -24.09 -9.77 -23.20
N LEU D 150 -24.20 -11.07 -23.44
CA LEU D 150 -25.34 -11.79 -22.90
C LEU D 150 -25.17 -12.12 -21.42
N ASN D 151 -23.92 -12.27 -20.95
CA ASN D 151 -23.74 -12.73 -19.58
C ASN D 151 -23.67 -11.62 -18.53
N SER D 152 -23.14 -10.45 -18.85
CA SER D 152 -22.74 -9.55 -17.78
C SER D 152 -23.93 -9.08 -16.96
N GLY D 153 -25.11 -8.98 -17.58
CA GLY D 153 -26.29 -8.55 -16.87
C GLY D 153 -27.36 -9.61 -16.69
N VAL D 154 -27.08 -10.88 -16.99
CA VAL D 154 -28.13 -11.89 -16.93
C VAL D 154 -28.52 -12.17 -15.49
N TYR D 155 -27.58 -12.09 -14.55
CA TYR D 155 -27.85 -12.39 -13.15
C TYR D 155 -28.40 -11.21 -12.37
N THR D 156 -28.60 -10.06 -13.02
CA THR D 156 -29.12 -8.87 -12.35
C THR D 156 -30.41 -8.37 -13.00
N PHE D 157 -31.16 -9.27 -13.63
CA PHE D 157 -32.53 -8.96 -14.05
C PHE D 157 -33.41 -8.82 -12.82
N LYS D 163 -40.55 -10.15 -19.05
CA LYS D 163 -40.73 -11.57 -18.86
C LYS D 163 -39.53 -12.24 -18.21
N SER D 164 -39.43 -12.08 -16.89
CA SER D 164 -38.24 -12.48 -16.14
C SER D 164 -37.70 -13.85 -16.53
N LEU D 165 -38.42 -14.92 -16.19
CA LEU D 165 -37.87 -16.28 -16.30
C LEU D 165 -37.57 -16.70 -17.73
N GLU D 166 -38.62 -16.62 -18.59
CA GLU D 166 -38.59 -16.93 -20.03
C GLU D 166 -37.30 -16.35 -20.74
N GLU D 167 -36.99 -15.05 -20.53
CA GLU D 167 -35.83 -14.42 -21.15
C GLU D 167 -34.55 -15.02 -20.64
N LYS D 168 -34.45 -15.19 -19.32
CA LYS D 168 -33.25 -15.74 -18.71
C LYS D 168 -32.93 -17.11 -19.31
N ASP D 169 -33.94 -17.96 -19.45
CA ASP D 169 -33.71 -19.28 -20.03
C ASP D 169 -33.21 -19.16 -21.46
N HIS D 170 -33.80 -18.24 -22.23
CA HIS D 170 -33.37 -18.04 -23.61
C HIS D 170 -31.94 -17.56 -23.69
N ILE D 171 -31.59 -16.55 -22.87
CA ILE D 171 -30.21 -16.09 -22.83
C ILE D 171 -29.26 -17.24 -22.52
N HIS D 172 -29.61 -18.09 -21.57
CA HIS D 172 -28.72 -19.18 -21.22
C HIS D 172 -28.62 -20.22 -22.33
N ARG D 173 -29.71 -20.45 -23.08
CA ARG D 173 -29.62 -21.32 -24.25
C ARG D 173 -28.70 -20.73 -25.31
N VAL D 174 -28.78 -19.42 -25.56
CA VAL D 174 -27.86 -18.82 -26.53
C VAL D 174 -26.42 -18.94 -26.05
N LEU D 175 -26.18 -18.70 -24.75
CA LEU D 175 -24.85 -18.85 -24.20
C LEU D 175 -24.33 -20.27 -24.37
N ASP D 176 -25.18 -21.27 -24.13
CA ASP D 176 -24.82 -22.64 -24.42
C ASP D 176 -24.47 -22.81 -25.88
N LYS D 177 -25.19 -22.14 -26.79
CA LYS D 177 -24.86 -22.25 -28.21
C LYS D 177 -23.46 -21.74 -28.47
N ILE D 178 -23.07 -20.64 -27.82
CA ILE D 178 -21.75 -20.07 -28.07
C ILE D 178 -20.66 -20.94 -27.46
N THR D 179 -20.94 -21.58 -26.32
CA THR D 179 -20.01 -22.57 -25.79
C THR D 179 -19.78 -23.70 -26.79
N ASP D 180 -20.88 -24.24 -27.33
CA ASP D 180 -20.76 -25.25 -28.37
C ASP D 180 -19.89 -24.75 -29.53
N THR D 181 -20.05 -23.47 -29.89
CA THR D 181 -19.33 -22.92 -31.02
C THR D 181 -17.84 -22.83 -30.73
N LEU D 182 -17.48 -22.40 -29.53
CA LEU D 182 -16.07 -22.33 -29.16
C LEU D 182 -15.42 -23.71 -29.17
N ILE D 183 -16.12 -24.71 -28.63
CA ILE D 183 -15.58 -26.07 -28.63
C ILE D 183 -15.43 -26.58 -30.05
N HIS D 184 -16.42 -26.32 -30.91
CA HIS D 184 -16.32 -26.75 -32.29
C HIS D 184 -15.14 -26.11 -32.99
N LEU D 185 -14.95 -24.81 -32.79
CA LEU D 185 -13.79 -24.15 -33.38
C LEU D 185 -12.51 -24.84 -32.93
N MET D 186 -12.41 -25.18 -31.64
CA MET D 186 -11.16 -25.74 -31.16
C MET D 186 -10.99 -27.17 -31.67
N ALA D 187 -12.08 -27.94 -31.76
CA ALA D 187 -12.00 -29.28 -32.31
C ALA D 187 -11.55 -29.25 -33.75
N LYS D 188 -12.07 -28.31 -34.54
CA LYS D 188 -11.68 -28.23 -35.95
C LYS D 188 -10.21 -27.87 -36.10
N ALA D 189 -9.64 -27.19 -35.11
CA ALA D 189 -8.24 -26.82 -35.14
C ALA D 189 -7.32 -27.95 -34.70
N GLY D 190 -7.87 -29.08 -34.26
CA GLY D 190 -7.08 -30.23 -33.90
C GLY D 190 -6.75 -30.38 -32.43
N LEU D 191 -7.41 -29.65 -31.54
CA LEU D 191 -7.14 -29.82 -30.12
C LEU D 191 -7.78 -31.09 -29.61
N THR D 192 -7.06 -31.79 -28.72
CA THR D 192 -7.64 -32.92 -28.02
C THR D 192 -8.84 -32.47 -27.17
N LEU D 193 -9.64 -33.44 -26.73
CA LEU D 193 -10.76 -33.10 -25.86
C LEU D 193 -10.30 -32.42 -24.58
N GLN D 194 -9.19 -32.89 -24.01
CA GLN D 194 -8.66 -32.25 -22.81
C GLN D 194 -8.24 -30.81 -23.09
N GLN D 195 -7.56 -30.57 -24.21
CA GLN D 195 -7.14 -29.22 -24.54
C GLN D 195 -8.34 -28.33 -24.81
N GLN D 196 -9.43 -28.91 -25.33
CA GLN D 196 -10.62 -28.14 -25.62
C GLN D 196 -11.24 -27.59 -24.35
N HIS D 197 -11.43 -28.44 -23.33
CA HIS D 197 -12.07 -27.92 -22.13
C HIS D 197 -11.09 -27.06 -21.33
N GLN D 198 -9.78 -27.37 -21.38
CA GLN D 198 -8.80 -26.49 -20.74
C GLN D 198 -8.82 -25.10 -21.38
N ARG D 199 -8.85 -25.02 -22.71
CA ARG D 199 -8.80 -23.72 -23.34
C ARG D 199 -10.11 -22.97 -23.15
N LEU D 200 -11.23 -23.68 -23.19
CA LEU D 200 -12.50 -23.03 -22.88
C LEU D 200 -12.46 -22.38 -21.52
N ALA D 201 -11.89 -23.06 -20.52
CA ALA D 201 -11.83 -22.52 -19.17
C ALA D 201 -10.93 -21.29 -19.11
N GLN D 202 -9.78 -21.36 -19.80
CA GLN D 202 -8.85 -20.24 -19.79
C GLN D 202 -9.49 -18.99 -20.38
N LEU D 203 -10.25 -19.14 -21.47
CA LEU D 203 -10.86 -17.97 -22.08
C LEU D 203 -11.94 -17.38 -21.17
N LEU D 204 -12.74 -18.22 -20.53
CA LEU D 204 -13.84 -17.71 -19.73
C LEU D 204 -13.34 -17.10 -18.44
N LEU D 205 -12.25 -17.61 -17.87
CA LEU D 205 -11.69 -17.00 -16.67
C LEU D 205 -11.16 -15.60 -16.97
N ILE D 206 -10.68 -15.34 -18.19
CA ILE D 206 -10.20 -13.98 -18.49
C ILE D 206 -11.35 -13.00 -18.42
N LEU D 207 -12.57 -13.47 -18.70
CA LEU D 207 -13.74 -12.59 -18.61
C LEU D 207 -13.91 -12.04 -17.20
N SER D 208 -13.55 -12.82 -16.18
CA SER D 208 -13.62 -12.31 -14.81
C SER D 208 -12.68 -11.12 -14.63
N HIS D 209 -11.51 -11.17 -15.26
CA HIS D 209 -10.59 -10.04 -15.19
C HIS D 209 -11.13 -8.84 -15.97
N ILE D 210 -11.78 -9.10 -17.10
CA ILE D 210 -12.36 -7.99 -17.84
C ILE D 210 -13.49 -7.35 -17.05
N ARG D 211 -14.30 -8.17 -16.36
CA ARG D 211 -15.33 -7.58 -15.49
C ARG D 211 -14.66 -6.67 -14.46
N HIS D 212 -13.58 -7.15 -13.84
CA HIS D 212 -12.89 -6.40 -12.80
C HIS D 212 -12.35 -5.08 -13.34
N MET D 213 -11.76 -5.10 -14.54
CA MET D 213 -11.23 -3.89 -15.13
C MET D 213 -12.33 -2.88 -15.41
N SER D 214 -13.46 -3.34 -15.94
CA SER D 214 -14.60 -2.45 -16.17
C SER D 214 -15.08 -1.86 -14.85
N ASN D 215 -15.23 -2.69 -13.82
CA ASN D 215 -15.68 -2.18 -12.53
C ASN D 215 -14.69 -1.16 -11.98
N LYS D 216 -13.39 -1.46 -12.06
CA LYS D 216 -12.40 -0.50 -11.58
C LYS D 216 -12.44 0.76 -12.41
N GLY D 217 -12.48 0.58 -13.72
CA GLY D 217 -12.78 1.69 -14.56
C GLY D 217 -13.77 2.64 -13.91
N MET D 218 -14.87 2.22 -13.66
CA MET D 218 -15.80 3.27 -13.32
C MET D 218 -15.82 3.78 -11.97
N GLU D 219 -15.25 3.00 -11.08
CA GLU D 219 -15.05 3.47 -9.74
C GLU D 219 -14.20 4.75 -9.74
N HIS D 220 -12.97 4.65 -10.25
CA HIS D 220 -12.15 5.77 -10.74
C HIS D 220 -12.91 6.92 -11.36
N LEU D 221 -13.84 6.62 -12.24
CA LEU D 221 -14.55 7.71 -12.91
C LEU D 221 -15.40 8.50 -11.92
N TYR D 222 -16.05 7.82 -10.99
CA TYR D 222 -16.96 8.52 -10.07
C TYR D 222 -16.19 9.16 -8.91
N VAL D 230 -21.19 8.35 -19.27
CA VAL D 230 -21.78 7.03 -19.05
C VAL D 230 -23.17 6.98 -19.68
N PRO D 231 -23.40 6.05 -20.61
CA PRO D 231 -24.73 5.97 -21.23
C PRO D 231 -25.78 5.54 -20.22
N SER D 232 -26.83 6.32 -20.10
CA SER D 232 -27.89 5.96 -19.16
C SER D 232 -28.82 4.93 -19.78
N TYR D 233 -29.65 4.33 -18.93
CA TYR D 233 -30.68 3.41 -19.39
C TYR D 233 -31.51 4.02 -20.53
N ASP D 234 -31.88 5.28 -20.37
CA ASP D 234 -32.78 5.97 -21.30
C ASP D 234 -32.09 6.20 -22.64
N LEU D 235 -30.86 6.67 -22.59
CA LEU D 235 -30.06 6.81 -23.79
C LEU D 235 -29.98 5.50 -24.58
N LEU D 236 -29.65 4.40 -23.91
CA LEU D 236 -29.52 3.14 -24.63
C LEU D 236 -30.85 2.72 -25.24
N LEU D 237 -31.95 2.91 -24.50
CA LEU D 237 -33.26 2.58 -25.03
C LEU D 237 -33.56 3.38 -26.30
N GLU D 238 -33.28 4.69 -26.27
CA GLU D 238 -33.49 5.54 -27.44
C GLU D 238 -32.61 5.09 -28.60
N MET D 239 -31.34 4.77 -28.34
CA MET D 239 -30.45 4.33 -29.41
C MET D 239 -30.90 2.99 -30.00
N LEU D 240 -31.39 2.08 -29.16
CA LEU D 240 -31.89 0.81 -29.65
C LEU D 240 -33.13 0.99 -30.51
N ASP D 241 -34.02 1.90 -30.12
CA ASP D 241 -35.25 2.11 -30.88
C ASP D 241 -34.97 2.67 -32.27
N ALA D 242 -33.87 3.40 -32.43
CA ALA D 242 -33.51 3.96 -33.73
C ALA D 242 -32.64 2.99 -34.52
#